data_9K71
#
_entry.id   9K71
#
_cell.length_a   53.421
_cell.length_b   84.652
_cell.length_c   163.376
_cell.angle_alpha   90.00
_cell.angle_beta   90.00
_cell.angle_gamma   90.00
#
_symmetry.space_group_name_H-M   'P 21 21 21'
#
loop_
_entity.id
_entity.type
_entity.pdbx_description
1 polymer 'cysteine-S-conjugate beta-lyase'
2 water water
#
_entity_poly.entity_id   1
_entity_poly.type   'polypeptide(L)'
_entity_poly.pdbx_seq_one_letter_code
;MQLFHKAINRRGTHSIKWDTYKNEELIHAWIADMDFEVPKPIQTALKQRIKHPIFGYTLPPENIGDIICNWTKQQYDWDI
QKEWIVFSAGIVPALSTSIQAFTKENESVLVQPPIYPPFFEMVTTNNRQLCVSPLQKQNDTYVIDFKHLEKQFQQGIKLM
LLCSPHNPIGRVWTKEELIKLGSLCTKYNVIVVADEIHSDIIYADHTHTPFASLSEELAERTITCMAPS(LLP)TFNIAG
LQASIIIIPNEKLRHAFTAIQYRQGFHGLNIFAYTAMQSAYTECNDWLNKIRLYIEDNAKFACEYMKDHIPTLSVTKPEG
SFLLWIDCSALNLSQDERTKLLEEKGKIIVEPGEKYGLGGEEHIRINIGCPRSVLEEILNRLRHTFS
;
_entity_poly.pdbx_strand_id   A,B
#
# COMPACT_ATOMS: atom_id res chain seq x y z
N MET A 1 26.39 20.65 -10.94
CA MET A 1 27.22 20.88 -9.74
C MET A 1 26.43 21.73 -8.75
N GLN A 2 25.72 22.74 -9.24
CA GLN A 2 25.00 23.68 -8.38
C GLN A 2 23.58 23.21 -8.03
N LEU A 3 23.26 21.94 -8.27
CA LEU A 3 21.97 21.36 -7.88
C LEU A 3 21.93 20.90 -6.43
N PHE A 4 23.07 20.44 -5.89
CA PHE A 4 23.11 19.74 -4.61
C PHE A 4 23.76 20.58 -3.52
N HIS A 5 24.00 21.85 -3.78
CA HIS A 5 24.36 22.75 -2.70
C HIS A 5 23.13 23.18 -1.90
N LYS A 6 21.98 22.64 -2.27
CA LYS A 6 20.69 23.12 -1.74
C LYS A 6 20.32 22.75 -0.32
N ALA A 7 20.52 23.63 0.66
CA ALA A 7 19.89 23.37 1.92
C ALA A 7 18.38 23.64 1.79
N ILE A 8 17.56 22.64 2.12
CA ILE A 8 16.10 22.72 1.90
C ILE A 8 15.37 22.63 3.22
N ASN A 9 14.43 23.54 3.42
CA ASN A 9 13.50 23.55 4.55
C ASN A 9 12.53 22.37 4.41
N ARG A 10 12.78 21.31 5.18
CA ARG A 10 11.89 20.14 5.19
C ARG A 10 11.08 20.07 6.48
N ARG A 11 11.06 21.16 7.24
CA ARG A 11 10.16 21.33 8.37
C ARG A 11 8.79 21.73 7.86
N GLY A 12 7.75 21.08 8.36
CA GLY A 12 6.43 21.41 7.86
C GLY A 12 6.12 20.77 6.54
N THR A 13 6.52 19.51 6.38
CA THR A 13 6.14 18.68 5.25
C THR A 13 5.71 17.32 5.79
N HIS A 14 5.55 17.32 7.10
CA HIS A 14 5.12 16.11 7.83
C HIS A 14 6.15 14.98 7.60
N SER A 15 7.41 15.28 7.24
CA SER A 15 8.52 14.35 7.05
C SER A 15 9.00 13.76 8.38
N ILE A 16 9.19 12.43 8.40
CA ILE A 16 9.54 11.75 9.63
C ILE A 16 10.91 12.21 10.14
N LYS A 17 11.77 12.71 9.25
CA LYS A 17 13.07 13.15 9.72
C LYS A 17 12.98 14.43 10.54
N TRP A 18 12.27 15.44 10.04
CA TRP A 18 12.30 16.76 10.67
C TRP A 18 11.08 17.13 11.50
N ASP A 19 9.96 16.40 11.37
CA ASP A 19 8.69 16.80 12.05
C ASP A 19 8.27 15.89 13.24
N THR A 20 9.02 14.86 13.66
CA THR A 20 8.68 14.14 14.88
C THR A 20 9.04 14.98 16.12
N TYR A 21 10.27 15.49 16.19
CA TYR A 21 10.70 16.32 17.32
C TYR A 21 10.37 17.77 17.00
N LYS A 22 10.01 18.59 18.01
CA LYS A 22 9.90 20.01 17.69
C LYS A 22 10.65 20.90 18.65
N ASN A 23 11.85 20.50 19.01
CA ASN A 23 12.84 21.48 19.35
C ASN A 23 13.46 21.92 18.04
N GLU A 24 13.38 23.22 17.75
CA GLU A 24 13.82 23.75 16.47
C GLU A 24 15.34 23.64 16.34
N GLU A 25 16.02 23.59 17.48
CA GLU A 25 17.47 23.47 17.55
C GLU A 25 17.99 22.16 16.96
N LEU A 26 17.21 21.09 17.05
CA LEU A 26 17.70 19.74 16.70
C LEU A 26 18.11 19.60 15.24
N ILE A 27 19.14 18.77 15.01
CA ILE A 27 19.45 18.22 13.70
C ILE A 27 19.18 16.72 13.74
N HIS A 28 18.47 16.23 12.74
CA HIS A 28 18.11 14.81 12.68
C HIS A 28 18.94 14.10 11.62
N ALA A 29 19.93 13.34 12.08
CA ALA A 29 20.84 12.61 11.22
C ALA A 29 20.58 11.12 11.22
N TRP A 30 19.34 10.70 11.55
CA TRP A 30 19.05 9.30 11.84
C TRP A 30 18.22 8.59 10.79
N ILE A 31 17.18 9.23 10.22
CA ILE A 31 16.34 8.54 9.24
C ILE A 31 17.08 8.41 7.92
N ALA A 32 16.57 7.56 7.03
CA ALA A 32 17.26 7.17 5.80
C ALA A 32 16.59 7.72 4.55
N ASP A 33 16.13 8.95 4.55
CA ASP A 33 15.84 9.63 3.29
C ASP A 33 16.83 10.78 3.09
N MET A 34 16.98 11.22 1.85
CA MET A 34 17.99 12.23 1.53
C MET A 34 17.50 13.63 1.86
N ASP A 35 18.47 14.56 1.99
CA ASP A 35 18.22 16.00 2.06
C ASP A 35 18.34 16.63 0.68
N PHE A 36 17.80 15.94 -0.31
CA PHE A 36 17.90 16.35 -1.70
C PHE A 36 16.55 16.34 -2.36
N VAL A 38 13.84 15.66 -5.21
CA VAL A 38 13.55 14.77 -6.32
C VAL A 38 14.04 15.47 -7.58
N PRO A 39 14.72 14.75 -8.49
CA PRO A 39 15.09 15.34 -9.78
C PRO A 39 13.88 15.99 -10.43
N LYS A 40 14.12 17.12 -11.09
CA LYS A 40 13.04 17.87 -11.73
C LYS A 40 12.15 17.02 -12.65
N PRO A 41 12.67 16.13 -13.50
CA PRO A 41 11.77 15.31 -14.34
C PRO A 41 10.76 14.48 -13.57
N ILE A 42 10.99 14.16 -12.29
CA ILE A 42 9.97 13.43 -11.56
C ILE A 42 8.84 14.36 -11.12
N GLN A 43 9.18 15.51 -10.52
CA GLN A 43 8.13 16.43 -10.13
C GLN A 43 7.39 16.97 -11.35
N THR A 44 8.05 17.05 -12.51
CA THR A 44 7.32 17.43 -13.72
C THR A 44 6.32 16.33 -14.10
N ALA A 45 6.72 15.07 -13.95
CA ALA A 45 5.84 13.94 -14.26
C ALA A 45 4.60 13.93 -13.38
N LEU A 46 4.75 14.34 -12.11
CA LEU A 46 3.59 14.33 -11.21
C LEU A 46 2.59 15.42 -11.59
N LYS A 47 3.07 16.62 -11.92
CA LYS A 47 2.18 17.68 -12.40
C LYS A 47 1.44 17.24 -13.67
N GLN A 48 2.12 16.54 -14.58
CA GLN A 48 1.47 16.07 -15.80
C GLN A 48 0.32 15.11 -15.46
N ARG A 49 0.55 14.13 -14.58
CA ARG A 49 -0.50 13.16 -14.32
C ARG A 49 -1.74 13.80 -13.72
N ILE A 50 -1.54 14.78 -12.84
CA ILE A 50 -2.67 15.48 -12.23
C ILE A 50 -3.47 16.27 -13.26
N LYS A 51 -2.89 16.56 -14.43
CA LYS A 51 -3.66 17.29 -15.42
C LYS A 51 -4.87 16.49 -15.90
N HIS A 52 -4.88 15.17 -15.70
CA HIS A 52 -6.10 14.41 -15.98
C HIS A 52 -6.87 14.13 -14.68
N PRO A 53 -7.97 14.86 -14.40
CA PRO A 53 -8.61 14.90 -13.09
C PRO A 53 -9.46 13.68 -12.73
N ILE A 54 -8.92 12.49 -12.93
CA ILE A 54 -9.54 11.29 -12.39
C ILE A 54 -8.45 10.41 -11.81
N PHE A 55 -8.72 9.84 -10.64
CA PHE A 55 -7.70 9.14 -9.87
C PHE A 55 -8.28 7.83 -9.34
N GLY A 56 -8.93 7.09 -10.22
CA GLY A 56 -9.49 5.79 -9.91
C GLY A 56 -8.45 4.70 -9.97
N TYR A 57 -8.96 3.47 -10.04
CA TYR A 57 -8.14 2.27 -10.13
C TYR A 57 -7.37 2.24 -11.45
N THR A 58 -6.07 1.93 -11.38
CA THR A 58 -5.26 1.85 -12.58
C THR A 58 -4.42 0.57 -12.63
N LEU A 59 -4.21 0.10 -13.87
CA LEU A 59 -3.23 -0.91 -14.20
C LEU A 59 -1.83 -0.29 -14.17
N PRO A 60 -0.77 -1.09 -14.08
CA PRO A 60 0.56 -0.54 -14.31
C PRO A 60 0.65 -0.05 -15.74
N PRO A 61 1.38 1.03 -15.97
CA PRO A 61 1.45 1.57 -17.34
C PRO A 61 2.02 0.51 -18.28
N GLU A 62 1.44 0.43 -19.48
CA GLU A 62 1.80 -0.63 -20.43
C GLU A 62 3.30 -0.70 -20.71
N ASN A 63 4.00 0.41 -20.56
CA ASN A 63 5.41 0.47 -20.87
C ASN A 63 6.30 0.32 -19.67
N ILE A 64 5.73 -0.03 -18.51
CA ILE A 64 6.54 -0.09 -17.31
C ILE A 64 7.46 -1.30 -17.36
N GLY A 65 7.01 -2.39 -17.98
CA GLY A 65 7.80 -3.63 -17.98
C GLY A 65 9.12 -3.53 -18.72
N ASP A 66 9.13 -2.86 -19.88
CA ASP A 66 10.38 -2.70 -20.63
C ASP A 66 11.23 -1.62 -20.02
N ILE A 67 10.59 -0.56 -19.51
CA ILE A 67 11.30 0.44 -18.74
C ILE A 67 12.10 -0.24 -17.64
N ILE A 68 11.50 -1.25 -16.99
CA ILE A 68 12.18 -1.95 -15.91
C ILE A 68 13.24 -2.89 -16.47
N CYS A 69 12.95 -3.54 -17.60
CA CYS A 69 13.91 -4.47 -18.18
C CYS A 69 15.10 -3.73 -18.77
N ASN A 70 14.87 -2.52 -19.28
CA ASN A 70 15.97 -1.66 -19.68
C ASN A 70 16.75 -1.18 -18.47
N TRP A 71 16.06 -0.91 -17.36
CA TRP A 71 16.73 -0.40 -16.18
C TRP A 71 17.73 -1.38 -15.60
N THR A 72 17.34 -2.65 -15.46
CA THR A 72 18.26 -3.62 -14.88
C THR A 72 19.43 -3.89 -15.83
N LYS A 73 19.16 -3.96 -17.13
CA LYS A 73 20.22 -4.23 -18.10
C LYS A 73 21.15 -3.05 -18.24
N GLN A 74 20.59 -1.84 -18.26
CA GLN A 74 21.42 -0.66 -18.36
C GLN A 74 22.34 -0.55 -17.15
N GLN A 75 21.81 -0.80 -15.96
CA GLN A 75 22.51 -0.51 -14.71
C GLN A 75 23.33 -1.66 -14.15
N TYR A 76 23.01 -2.90 -14.46
CA TYR A 76 23.75 -4.05 -13.89
C TYR A 76 24.01 -5.10 -14.96
N ASP A 77 23.80 -4.74 -16.22
CA ASP A 77 24.03 -5.69 -17.32
C ASP A 77 23.23 -6.96 -17.06
N TRP A 78 22.07 -6.79 -16.45
CA TRP A 78 21.26 -7.90 -16.00
C TRP A 78 19.96 -7.90 -16.80
N ASP A 79 19.73 -8.98 -17.53
CA ASP A 79 18.58 -9.16 -18.40
C ASP A 79 17.48 -9.88 -17.63
N ILE A 80 16.30 -9.30 -17.62
CA ILE A 80 15.17 -9.86 -16.93
C ILE A 80 14.01 -10.02 -17.90
N GLN A 81 13.09 -10.90 -17.55
CA GLN A 81 11.89 -11.10 -18.34
C GLN A 81 10.76 -10.29 -17.71
N LYS A 82 9.91 -9.72 -18.56
CA LYS A 82 8.83 -8.87 -18.04
C LYS A 82 7.98 -9.60 -17.02
N GLU A 83 7.77 -10.90 -17.19
CA GLU A 83 6.85 -11.64 -16.35
C GLU A 83 7.48 -11.97 -14.99
N TRP A 84 8.75 -11.63 -14.80
CA TRP A 84 9.40 -11.76 -13.50
C TRP A 84 9.02 -10.63 -12.55
N ILE A 85 8.53 -9.51 -13.07
CA ILE A 85 8.35 -8.30 -12.29
C ILE A 85 7.02 -8.35 -11.53
N VAL A 86 7.12 -8.13 -10.22
CA VAL A 86 5.98 -7.99 -9.32
C VAL A 86 6.15 -6.67 -8.57
N PHE A 87 5.03 -5.99 -8.36
CA PHE A 87 5.07 -4.72 -7.67
C PHE A 87 4.81 -4.94 -6.19
N SER A 88 5.38 -4.05 -5.36
CA SER A 88 5.22 -4.05 -3.91
C SER A 88 5.27 -2.62 -3.43
N ALA A 89 4.25 -2.23 -2.66
CA ALA A 89 4.14 -0.90 -2.09
C ALA A 89 5.13 -0.71 -0.94
N GLY A 90 6.34 -1.20 -1.13
CA GLY A 90 7.44 -1.02 -0.20
C GLY A 90 8.18 -2.34 -0.03
N ILE A 91 9.45 -2.27 0.35
CA ILE A 91 10.33 -3.46 0.45
C ILE A 91 10.07 -4.21 1.75
N VAL A 92 9.75 -3.51 2.83
CA VAL A 92 9.52 -4.22 4.09
C VAL A 92 8.34 -5.15 3.96
N PRO A 93 7.21 -4.75 3.36
CA PRO A 93 6.17 -5.75 3.07
C PRO A 93 6.64 -6.85 2.13
N ALA A 94 7.64 -6.61 1.29
CA ALA A 94 8.12 -7.68 0.43
C ALA A 94 8.86 -8.73 1.23
N LEU A 95 9.59 -8.31 2.27
CA LEU A 95 10.20 -9.29 3.17
C LEU A 95 9.15 -10.09 3.92
N SER A 96 8.21 -9.39 4.56
CA SER A 96 7.15 -10.07 5.29
C SER A 96 6.36 -10.99 4.38
N THR A 97 6.03 -10.54 3.17
CA THR A 97 5.41 -11.43 2.18
C THR A 97 6.29 -12.65 1.91
N SER A 98 7.61 -12.45 1.71
CA SER A 98 8.52 -13.58 1.47
C SER A 98 8.59 -14.52 2.68
N ILE A 99 8.67 -13.97 3.89
CA ILE A 99 8.65 -14.84 5.06
C ILE A 99 7.41 -15.71 5.03
N GLN A 100 6.26 -15.13 4.70
CA GLN A 100 4.99 -15.90 4.76
C GLN A 100 4.91 -16.87 3.58
N ALA A 101 5.39 -16.47 2.41
CA ALA A 101 5.23 -17.27 1.20
C ALA A 101 6.03 -18.56 1.25
N PHE A 102 7.27 -18.52 1.78
CA PHE A 102 8.21 -19.62 1.61
C PHE A 102 8.63 -20.31 2.91
N THR A 103 8.14 -19.86 4.05
CA THR A 103 8.41 -20.53 5.31
C THR A 103 7.10 -20.77 6.02
N LYS A 104 7.08 -21.82 6.81
CA LYS A 104 5.97 -22.06 7.73
C LYS A 104 6.30 -21.45 9.07
N GLU A 105 5.29 -21.39 9.94
CA GLU A 105 5.51 -20.93 11.30
C GLU A 105 6.60 -21.79 11.97
N ASN A 106 7.42 -21.16 12.81
CA ASN A 106 8.46 -21.81 13.60
C ASN A 106 9.71 -22.19 12.78
N GLU A 107 9.73 -21.93 11.47
CA GLU A 107 10.93 -22.20 10.68
C GLU A 107 11.93 -21.05 10.75
N SER A 108 13.18 -21.34 10.38
CA SER A 108 14.32 -20.46 10.65
C SER A 108 14.59 -19.45 9.52
N VAL A 109 14.59 -18.16 9.86
CA VAL A 109 14.97 -17.07 8.97
C VAL A 109 16.32 -16.55 9.42
N LEU A 110 17.30 -16.46 8.50
CA LEU A 110 18.68 -16.01 8.80
C LEU A 110 18.91 -14.58 8.32
N VAL A 111 19.65 -13.79 9.13
CA VAL A 111 20.08 -12.42 8.83
C VAL A 111 21.53 -12.22 9.30
N GLN A 112 22.19 -11.14 8.83
CA GLN A 112 23.61 -10.91 9.10
C GLN A 112 23.85 -9.57 9.80
N PRO A 113 23.90 -9.56 11.14
CA PRO A 113 23.99 -8.28 11.88
C PRO A 113 25.40 -7.74 11.90
N PRO A 114 25.56 -6.41 12.02
CA PRO A 114 24.54 -5.36 12.20
C PRO A 114 23.67 -5.12 10.97
N ILE A 115 22.35 -5.05 11.17
CA ILE A 115 21.40 -4.99 10.07
C ILE A 115 20.19 -4.14 10.48
N TYR A 116 19.72 -3.33 9.54
CA TYR A 116 18.45 -2.61 9.53
C TYR A 116 17.40 -3.42 10.29
N PRO A 117 16.84 -2.88 11.35
CA PRO A 117 16.09 -3.71 12.32
C PRO A 117 14.86 -4.40 11.74
N PRO A 118 14.10 -3.79 10.81
CA PRO A 118 12.93 -4.52 10.26
C PRO A 118 13.23 -5.92 9.81
N PHE A 119 14.50 -6.21 9.46
CA PHE A 119 14.92 -7.58 9.24
C PHE A 119 14.58 -8.43 10.43
N PHE A 120 14.84 -7.91 11.64
CA PHE A 120 14.53 -8.64 12.87
C PHE A 120 13.02 -8.72 13.08
N GLU A 121 12.34 -7.60 12.87
CA GLU A 121 10.96 -7.42 13.31
C GLU A 121 9.96 -8.24 12.49
N MET A 122 10.09 -8.24 11.16
CA MET A 122 9.13 -8.98 10.33
C MET A 122 9.28 -10.49 10.50
N VAL A 123 10.47 -10.93 10.92
CA VAL A 123 10.65 -12.34 11.27
C VAL A 123 9.89 -12.68 12.55
N THR A 124 10.20 -12.00 13.66
CA THR A 124 9.63 -12.42 14.93
C THR A 124 8.15 -12.12 15.00
N THR A 125 7.72 -10.97 14.46
CA THR A 125 6.29 -10.71 14.49
C THR A 125 5.50 -11.69 13.62
N ASN A 126 6.16 -12.51 12.80
CA ASN A 126 5.49 -13.54 12.00
C ASN A 126 5.70 -14.93 12.56
N ASN A 127 6.26 -15.05 13.76
CA ASN A 127 6.44 -16.33 14.45
C ASN A 127 7.39 -17.27 13.70
N ARG A 128 8.31 -16.74 12.90
CA ARG A 128 9.37 -17.58 12.37
C ARG A 128 10.58 -17.50 13.31
N GLN A 129 11.39 -18.55 13.33
CA GLN A 129 12.55 -18.53 14.21
C GLN A 129 13.62 -17.64 13.59
N LEU A 130 14.04 -16.61 14.31
CA LEU A 130 15.05 -15.67 13.82
C LEU A 130 16.43 -16.23 14.13
N CYS A 131 17.25 -16.45 13.09
CA CYS A 131 18.65 -16.86 13.23
C CYS A 131 19.58 -15.79 12.69
N VAL A 132 20.80 -15.78 13.20
CA VAL A 132 21.75 -14.74 12.83
C VAL A 132 23.09 -15.39 12.53
N SER A 133 23.85 -14.76 11.64
CA SER A 133 25.28 -15.02 11.53
C SER A 133 25.93 -13.65 11.44
N PRO A 134 26.41 -13.12 12.56
CA PRO A 134 26.91 -11.74 12.56
C PRO A 134 28.11 -11.62 11.63
N LEU A 135 28.25 -10.45 11.02
CA LEU A 135 29.40 -10.15 10.19
C LEU A 135 30.62 -9.83 11.08
N GLN A 136 31.82 -10.01 10.52
CA GLN A 136 33.06 -9.82 11.26
C GLN A 136 33.78 -8.57 10.78
N LYS A 137 34.16 -7.71 11.74
CA LYS A 137 34.83 -6.42 11.49
C LYS A 137 36.30 -6.66 11.17
N GLN A 138 36.68 -6.43 9.91
CA GLN A 138 38.01 -6.74 9.43
C GLN A 138 38.46 -5.71 8.40
N ASN A 139 39.78 -5.45 8.36
CA ASN A 139 40.36 -4.46 7.45
C ASN A 139 39.61 -3.15 7.56
N ASP A 140 39.17 -2.80 8.77
CA ASP A 140 38.49 -1.53 8.96
C ASP A 140 37.20 -1.48 8.13
N THR A 141 36.77 -2.64 7.60
CA THR A 141 35.47 -2.82 6.97
C THR A 141 34.82 -4.09 7.53
N TYR A 142 34.01 -4.81 6.74
CA TYR A 142 33.31 -6.00 7.24
C TYR A 142 33.36 -7.18 6.26
N VAL A 143 33.37 -8.41 6.80
CA VAL A 143 33.32 -9.61 5.97
C VAL A 143 32.31 -10.63 6.51
N ILE A 144 32.00 -11.59 5.65
CA ILE A 144 31.07 -12.66 6.01
C ILE A 144 31.85 -13.83 6.59
N ASP A 145 31.44 -14.29 7.78
CA ASP A 145 32.03 -15.47 8.41
C ASP A 145 31.40 -16.71 7.79
N PHE A 146 31.88 -17.08 6.60
CA PHE A 146 31.31 -18.21 5.86
C PHE A 146 31.31 -19.51 6.66
N LYS A 147 32.26 -19.69 7.57
CA LYS A 147 32.26 -20.92 8.34
C LYS A 147 31.11 -20.93 9.33
N HIS A 148 30.90 -19.80 10.02
CA HIS A 148 29.77 -19.67 10.93
C HIS A 148 28.45 -19.76 10.17
N LEU A 149 28.36 -19.05 9.04
CA LEU A 149 27.17 -19.11 8.19
C LEU A 149 26.83 -20.55 7.79
N GLU A 150 27.81 -21.34 7.34
CA GLU A 150 27.49 -22.71 6.96
C GLU A 150 26.94 -23.49 8.16
N LYS A 151 27.57 -23.33 9.34
CA LYS A 151 27.09 -24.01 10.53
C LYS A 151 25.62 -23.69 10.79
N GLN A 152 25.20 -22.44 10.54
CA GLN A 152 23.81 -22.08 10.78
C GLN A 152 22.90 -22.66 9.70
N PHE A 153 23.33 -22.60 8.44
CA PHE A 153 22.55 -23.19 7.36
C PHE A 153 22.26 -24.66 7.67
N GLN A 154 23.24 -25.35 8.27
CA GLN A 154 23.13 -26.76 8.64
C GLN A 154 22.07 -27.02 9.70
N GLN A 155 21.75 -26.06 10.54
CA GLN A 155 20.74 -26.37 11.55
C GLN A 155 19.30 -26.28 10.99
N GLY A 156 19.12 -26.14 9.69
CA GLY A 156 17.83 -26.13 9.04
C GLY A 156 17.28 -24.78 8.51
N ILE A 157 18.14 -23.77 8.34
CA ILE A 157 17.73 -22.48 7.79
C ILE A 157 17.00 -22.69 6.49
N LYS A 158 15.84 -22.05 6.35
CA LYS A 158 15.06 -22.18 5.15
C LYS A 158 15.14 -20.95 4.27
N LEU A 159 15.45 -19.80 4.87
CA LEU A 159 15.31 -18.50 4.23
C LEU A 159 16.34 -17.53 4.79
N MET A 160 17.01 -16.82 3.91
CA MET A 160 18.00 -15.84 4.29
C MET A 160 17.58 -14.50 3.71
N LEU A 161 17.81 -13.44 4.47
CA LEU A 161 17.64 -12.07 4.00
C LEU A 161 19.02 -11.42 3.81
N LEU A 162 19.41 -11.29 2.54
CA LEU A 162 20.65 -10.67 2.13
C LEU A 162 20.39 -9.20 1.89
N CYS A 163 21.17 -8.34 2.51
CA CYS A 163 21.05 -6.91 2.29
C CYS A 163 22.25 -6.52 1.47
N SER A 164 22.00 -5.92 0.30
CA SER A 164 23.04 -5.75 -0.69
C SER A 164 22.76 -4.61 -1.65
N PRO A 165 23.42 -3.45 -1.51
CA PRO A 165 24.42 -3.08 -0.49
C PRO A 165 23.83 -3.18 0.92
N HIS A 166 24.69 -3.43 1.90
CA HIS A 166 24.29 -3.84 3.24
C HIS A 166 24.09 -2.61 4.14
N ASN A 167 22.83 -2.33 4.56
CA ASN A 167 22.53 -1.25 5.50
C ASN A 167 22.85 -1.73 6.91
N PRO A 168 23.67 -0.99 7.70
CA PRO A 168 24.17 0.37 7.70
C PRO A 168 25.65 0.53 7.42
N ILE A 169 26.30 -0.56 7.01
CA ILE A 169 27.76 -0.59 6.96
C ILE A 169 28.31 -0.22 5.60
N GLY A 170 27.45 -0.09 4.59
CA GLY A 170 27.93 0.36 3.31
C GLY A 170 28.70 -0.66 2.53
N ARG A 171 28.64 -1.93 2.92
CA ARG A 171 29.36 -2.95 2.17
C ARG A 171 28.65 -3.17 0.84
N VAL A 172 29.41 -3.06 -0.26
CA VAL A 172 28.98 -3.45 -1.59
C VAL A 172 29.71 -4.75 -1.89
N TRP A 173 28.94 -5.82 -1.96
CA TRP A 173 29.47 -7.18 -1.99
C TRP A 173 30.14 -7.46 -3.33
N THR A 174 31.26 -8.16 -3.28
CA THR A 174 31.98 -8.52 -4.49
C THR A 174 31.29 -9.67 -5.21
N LYS A 175 31.63 -9.82 -6.48
CA LYS A 175 31.11 -10.98 -7.23
C LYS A 175 31.53 -12.27 -6.51
N GLU A 176 32.75 -12.32 -5.99
CA GLU A 176 33.22 -13.56 -5.40
C GLU A 176 32.52 -13.89 -4.09
N GLU A 177 32.30 -12.88 -3.23
CA GLU A 177 31.57 -13.12 -1.99
C GLU A 177 30.18 -13.69 -2.27
N LEU A 178 29.46 -13.10 -3.24
CA LEU A 178 28.13 -13.60 -3.56
C LEU A 178 28.17 -15.02 -4.13
N ILE A 179 29.22 -15.37 -4.89
CA ILE A 179 29.36 -16.74 -5.40
C ILE A 179 29.68 -17.73 -4.28
N LYS A 180 30.45 -17.30 -3.27
CA LYS A 180 30.67 -18.23 -2.18
C LYS A 180 29.37 -18.46 -1.43
N LEU A 181 28.59 -17.38 -1.26
CA LEU A 181 27.31 -17.45 -0.57
C LEU A 181 26.34 -18.28 -1.38
N GLY A 182 26.21 -17.97 -2.67
CA GLY A 182 25.29 -18.73 -3.52
C GLY A 182 25.57 -20.20 -3.45
N SER A 183 26.85 -20.58 -3.46
CA SER A 183 27.21 -21.99 -3.34
C SER A 183 26.65 -22.59 -2.05
N LEU A 184 26.60 -21.79 -0.97
CA LEU A 184 26.04 -22.28 0.28
C LEU A 184 24.52 -22.41 0.23
N CYS A 185 23.84 -21.53 -0.50
CA CYS A 185 22.39 -21.60 -0.59
C CYS A 185 21.94 -22.76 -1.45
N THR A 186 22.67 -23.06 -2.53
CA THR A 186 22.42 -24.26 -3.29
C THR A 186 22.67 -25.51 -2.44
N LYS A 187 23.82 -25.56 -1.73
CA LYS A 187 24.11 -26.74 -0.90
C LYS A 187 22.97 -27.06 0.08
N TYR A 188 22.45 -26.05 0.75
CA TYR A 188 21.47 -26.32 1.79
C TYR A 188 20.05 -25.95 1.34
N ASN A 189 19.88 -25.77 0.03
CA ASN A 189 18.62 -25.35 -0.62
C ASN A 189 17.95 -24.19 0.13
N VAL A 190 18.67 -23.09 0.22
CA VAL A 190 18.17 -21.90 0.92
C VAL A 190 17.65 -20.89 -0.09
N ILE A 191 16.43 -20.41 0.13
CA ILE A 191 15.89 -19.32 -0.66
C ILE A 191 16.44 -18.00 -0.13
N VAL A 192 16.79 -17.09 -1.04
CA VAL A 192 17.41 -15.82 -0.68
C VAL A 192 16.47 -14.69 -1.02
N VAL A 193 16.21 -13.82 -0.04
CA VAL A 193 15.58 -12.52 -0.31
C VAL A 193 16.70 -11.49 -0.36
N ALA A 194 16.89 -10.92 -1.54
CA ALA A 194 17.98 -10.00 -1.77
C ALA A 194 17.40 -8.61 -1.74
N ASP A 195 17.55 -7.95 -0.60
CA ASP A 195 17.15 -6.56 -0.40
C ASP A 195 18.23 -5.70 -1.02
N GLU A 196 18.00 -5.25 -2.24
CA GLU A 196 19.00 -4.48 -2.99
C GLU A 196 18.46 -3.09 -3.26
N ILE A 197 17.80 -2.51 -2.27
CA ILE A 197 17.20 -1.20 -2.45
C ILE A 197 18.23 -0.09 -2.61
N HIS A 198 19.47 -0.33 -2.22
CA HIS A 198 20.52 0.66 -2.41
C HIS A 198 21.35 0.34 -3.66
N SER A 199 20.79 -0.49 -4.54
CA SER A 199 21.41 -0.93 -5.80
C SER A 199 22.08 0.17 -6.59
N ASP A 200 21.58 1.40 -6.51
CA ASP A 200 22.07 2.44 -7.43
C ASP A 200 22.99 3.48 -6.85
N ILE A 201 23.22 3.43 -5.56
CA ILE A 201 24.20 4.37 -5.06
C ILE A 201 25.45 3.58 -4.74
N ILE A 202 26.24 3.30 -5.76
CA ILE A 202 27.50 2.59 -5.62
C ILE A 202 28.57 3.61 -5.92
N TYR A 203 29.65 3.58 -5.12
CA TYR A 203 30.70 4.56 -5.30
C TYR A 203 31.55 4.16 -6.49
N ALA A 204 32.55 4.99 -6.80
CA ALA A 204 33.22 4.90 -8.09
C ALA A 204 33.93 3.56 -8.25
N ASP A 205 34.59 3.08 -7.20
CA ASP A 205 35.45 1.92 -7.29
C ASP A 205 34.73 0.59 -7.03
N HIS A 206 33.41 0.54 -7.14
CA HIS A 206 32.62 -0.65 -6.77
C HIS A 206 31.52 -0.90 -7.79
N THR A 207 31.07 -2.16 -7.85
CA THR A 207 30.05 -2.56 -8.83
C THR A 207 28.93 -3.36 -8.18
N HIS A 208 27.70 -2.96 -8.41
CA HIS A 208 26.62 -3.74 -7.83
C HIS A 208 26.42 -4.98 -8.68
N THR A 209 26.57 -6.13 -8.06
CA THR A 209 26.30 -7.40 -8.71
C THR A 209 25.01 -7.99 -8.15
N PRO A 210 23.90 -8.00 -8.89
CA PRO A 210 22.66 -8.56 -8.34
C PRO A 210 22.81 -10.06 -8.13
N PHE A 211 22.46 -10.51 -6.93
CA PHE A 211 22.72 -11.90 -6.56
C PHE A 211 22.09 -12.84 -7.58
N ALA A 212 20.84 -12.57 -7.94
CA ALA A 212 20.13 -13.40 -8.91
C ALA A 212 20.83 -13.41 -10.27
N SER A 213 21.62 -12.37 -10.58
CA SER A 213 22.24 -12.24 -11.90
C SER A 213 23.38 -13.25 -12.15
N LEU A 214 23.96 -13.83 -11.09
CA LEU A 214 25.17 -14.62 -11.26
C LEU A 214 24.91 -15.94 -12.01
N SER A 215 23.83 -16.64 -11.69
CA SER A 215 23.59 -17.93 -12.32
C SER A 215 22.11 -18.23 -12.33
N GLU A 216 21.73 -19.17 -13.20
CA GLU A 216 20.34 -19.58 -13.29
C GLU A 216 19.91 -20.31 -12.03
N GLU A 217 20.85 -21.00 -11.39
CA GLU A 217 20.51 -21.66 -10.13
C GLU A 217 20.10 -20.60 -9.11
N LEU A 218 20.96 -19.61 -8.92
CA LEU A 218 20.68 -18.60 -7.92
C LEU A 218 19.44 -17.83 -8.29
N ALA A 219 19.19 -17.66 -9.59
CA ALA A 219 18.05 -16.92 -10.04
C ALA A 219 16.76 -17.65 -9.67
N GLU A 220 16.77 -18.98 -9.77
CA GLU A 220 15.60 -19.76 -9.45
C GLU A 220 15.41 -19.93 -7.95
N ARG A 221 16.27 -19.32 -7.11
CA ARG A 221 16.06 -19.46 -5.67
C ARG A 221 16.05 -18.11 -4.93
N THR A 222 15.82 -17.01 -5.64
CA THR A 222 16.05 -15.69 -5.11
C THR A 222 14.89 -14.78 -5.45
N ILE A 223 14.49 -13.99 -4.48
CA ILE A 223 13.55 -12.87 -4.66
C ILE A 223 14.34 -11.59 -4.48
N THR A 224 14.36 -10.77 -5.52
CA THR A 224 15.15 -9.56 -5.53
C THR A 224 14.23 -8.36 -5.38
N CYS A 225 14.57 -7.52 -4.39
CA CYS A 225 13.79 -6.32 -4.06
C CYS A 225 14.63 -5.10 -4.40
N MET A 226 14.11 -4.32 -5.32
CA MET A 226 14.77 -3.09 -5.75
C MET A 226 13.71 -1.98 -5.74
N ALA A 227 14.11 -0.71 -5.82
CA ALA A 227 13.18 0.40 -5.68
C ALA A 227 13.87 1.75 -5.91
N PRO A 228 13.20 2.67 -6.60
CA PRO A 228 13.72 4.03 -6.73
C PRO A 228 13.47 4.92 -5.53
N SER A 229 13.00 4.36 -4.44
CA SER A 229 12.60 5.20 -3.29
C SER A 229 13.80 5.83 -2.60
N1 LLP A 230 15.87 -2.31 3.03
C2 LLP A 230 16.75 -1.45 3.47
C2' LLP A 230 18.15 -1.89 3.83
C3 LLP A 230 16.35 -0.15 3.60
O3 LLP A 230 17.26 0.77 4.07
C4 LLP A 230 15.06 0.23 3.28
C4' LLP A 230 14.71 1.70 3.44
C5 LLP A 230 14.17 -0.71 2.82
C6 LLP A 230 14.63 -2.01 2.70
C5' LLP A 230 12.73 -0.46 2.38
OP4 LLP A 230 11.89 0.31 3.18
P LLP A 230 10.79 1.09 2.24
OP1 LLP A 230 9.53 1.35 3.03
OP2 LLP A 230 10.49 0.33 0.96
OP3 LLP A 230 11.39 2.42 1.89
N LLP A 230 14.72 5.02 -2.14
CA LLP A 230 15.91 5.61 -1.54
CB LLP A 230 16.73 4.56 -0.81
CG LLP A 230 15.94 3.68 0.08
CD LLP A 230 15.40 4.47 1.26
CE LLP A 230 16.06 4.04 2.51
NZ LLP A 230 15.59 2.70 2.92
C LLP A 230 16.74 6.29 -2.62
O LLP A 230 17.31 7.37 -2.39
N THR A 231 16.79 5.66 -3.80
CA THR A 231 17.59 6.16 -4.90
C THR A 231 17.12 7.54 -5.34
N PHE A 232 15.80 7.76 -5.40
CA PHE A 232 15.32 9.03 -5.92
C PHE A 232 14.54 9.84 -4.88
N ASN A 233 14.58 9.40 -3.61
CA ASN A 233 14.02 10.17 -2.51
C ASN A 233 12.50 10.28 -2.62
N ILE A 234 11.83 9.21 -3.03
CA ILE A 234 10.38 9.22 -3.16
C ILE A 234 9.79 8.09 -2.31
N ALA A 235 10.45 7.79 -1.18
CA ALA A 235 10.03 6.70 -0.31
C ALA A 235 8.56 6.84 0.08
N GLY A 236 8.11 8.06 0.36
CA GLY A 236 6.74 8.28 0.67
C GLY A 236 5.77 8.02 -0.46
N LEU A 237 6.24 7.63 -1.67
CA LEU A 237 5.30 7.27 -2.72
C LEU A 237 5.09 5.76 -2.86
N GLN A 238 5.96 4.95 -2.27
CA GLN A 238 5.77 3.52 -2.08
C GLN A 238 5.79 2.73 -3.39
N ALA A 239 6.92 2.79 -4.10
CA ALA A 239 7.11 2.10 -5.36
C ALA A 239 8.32 1.16 -5.23
N SER A 240 8.07 -0.15 -5.23
CA SER A 240 9.18 -1.10 -5.27
C SER A 240 8.94 -2.11 -6.40
N ILE A 241 10.04 -2.70 -6.87
CA ILE A 241 10.08 -3.71 -7.93
C ILE A 241 10.65 -4.99 -7.32
N ILE A 242 9.88 -6.06 -7.36
CA ILE A 242 10.33 -7.38 -6.89
C ILE A 242 10.47 -8.30 -8.09
N ILE A 243 11.63 -8.95 -8.24
CA ILE A 243 12.00 -9.70 -9.44
C ILE A 243 12.16 -11.17 -9.08
N ILE A 244 11.20 -12.00 -9.49
CA ILE A 244 11.26 -13.43 -9.18
C ILE A 244 11.21 -14.29 -10.44
N PRO A 245 12.36 -14.69 -10.97
CA PRO A 245 12.38 -15.57 -12.14
C PRO A 245 11.66 -16.89 -11.90
N ASN A 246 11.82 -17.48 -10.71
CA ASN A 246 11.10 -18.70 -10.37
C ASN A 246 9.60 -18.45 -10.40
N GLU A 247 8.91 -19.05 -11.39
CA GLU A 247 7.47 -18.87 -11.52
C GLU A 247 6.74 -19.40 -10.31
N LYS A 248 7.18 -20.56 -9.81
CA LYS A 248 6.47 -21.19 -8.70
C LYS A 248 6.61 -20.35 -7.43
N LEU A 249 7.81 -19.81 -7.21
CA LEU A 249 8.01 -18.90 -6.08
C LEU A 249 7.21 -17.62 -6.27
N ARG A 250 7.16 -17.10 -7.51
CA ARG A 250 6.42 -15.88 -7.80
C ARG A 250 4.92 -16.05 -7.56
N HIS A 251 4.36 -17.22 -7.91
CA HIS A 251 2.94 -17.45 -7.69
C HIS A 251 2.62 -17.51 -6.21
N ALA A 252 3.46 -18.22 -5.44
CA ALA A 252 3.24 -18.29 -4.00
C ALA A 252 3.45 -16.92 -3.37
N PHE A 253 4.34 -16.12 -3.95
CA PHE A 253 4.54 -14.75 -3.49
C PHE A 253 3.28 -13.91 -3.72
N THR A 254 2.74 -13.97 -4.95
CA THR A 254 1.57 -13.16 -5.28
C THR A 254 0.30 -13.64 -4.57
N ALA A 255 0.22 -14.94 -4.26
CA ALA A 255 -0.93 -15.42 -3.50
C ALA A 255 -0.93 -14.88 -2.06
N ILE A 256 0.24 -14.54 -1.51
CA ILE A 256 0.27 -13.96 -0.17
C ILE A 256 -0.22 -12.53 -0.24
N GLN A 257 0.27 -11.81 -1.25
CA GLN A 257 -0.22 -10.47 -1.52
C GLN A 257 -1.72 -10.47 -1.77
N TYR A 258 -2.20 -11.41 -2.60
CA TYR A 258 -3.61 -11.42 -2.95
C TYR A 258 -4.49 -11.57 -1.71
N ARG A 259 -4.16 -12.52 -0.85
CA ARG A 259 -4.96 -12.71 0.34
C ARG A 259 -4.79 -11.55 1.32
N GLN A 260 -3.74 -10.73 1.19
CA GLN A 260 -3.64 -9.50 1.98
C GLN A 260 -4.32 -8.30 1.30
N GLY A 261 -5.17 -8.52 0.30
CA GLY A 261 -5.92 -7.44 -0.32
C GLY A 261 -5.13 -6.55 -1.26
N PHE A 262 -3.96 -6.99 -1.71
CA PHE A 262 -3.11 -6.14 -2.55
C PHE A 262 -3.65 -6.01 -3.96
N HIS A 263 -3.72 -4.78 -4.45
CA HIS A 263 -4.25 -4.50 -5.78
C HIS A 263 -3.34 -3.54 -6.53
N GLY A 264 -2.05 -3.57 -6.22
CA GLY A 264 -1.09 -2.80 -6.98
C GLY A 264 -0.86 -1.41 -6.41
N LEU A 265 0.19 -0.78 -6.90
CA LEU A 265 0.66 0.50 -6.39
C LEU A 265 -0.37 1.62 -6.62
N ASN A 266 -0.13 2.74 -5.95
CA ASN A 266 -0.96 3.91 -6.19
C ASN A 266 -0.47 4.63 -7.45
N ILE A 267 -1.38 5.42 -8.03
CA ILE A 267 -1.18 6.04 -9.35
C ILE A 267 0.15 6.77 -9.44
N PHE A 268 0.55 7.42 -8.36
CA PHE A 268 1.74 8.25 -8.42
C PHE A 268 3.01 7.45 -8.20
N ALA A 269 2.89 6.26 -7.61
CA ALA A 269 4.01 5.33 -7.57
C ALA A 269 4.40 4.89 -8.97
N TYR A 270 3.42 4.56 -9.82
CA TYR A 270 3.73 4.18 -11.23
C TYR A 270 4.30 5.36 -12.00
N THR A 271 3.62 6.52 -11.95
CA THR A 271 4.10 7.70 -12.67
C THR A 271 5.54 8.03 -12.30
N ALA A 272 5.84 8.08 -11.00
CA ALA A 272 7.17 8.46 -10.55
C ALA A 272 8.21 7.48 -11.07
N MET A 273 7.92 6.19 -10.93
CA MET A 273 8.84 5.14 -11.32
C MET A 273 9.03 5.13 -12.83
N GLN A 274 8.02 5.59 -13.57
CA GLN A 274 8.18 5.79 -15.00
C GLN A 274 9.30 6.77 -15.29
N SER A 275 9.23 7.95 -14.67
CA SER A 275 10.21 8.99 -14.92
C SER A 275 11.54 8.70 -14.24
N ALA A 276 11.50 8.07 -13.07
CA ALA A 276 12.71 7.78 -12.31
C ALA A 276 13.70 6.95 -13.10
N TYR A 277 13.19 5.98 -13.85
CA TYR A 277 14.01 5.02 -14.56
C TYR A 277 14.21 5.37 -16.03
N THR A 278 13.80 6.57 -16.45
CA THR A 278 13.99 7.00 -17.82
C THR A 278 14.66 8.36 -17.92
N GLU A 279 14.18 9.32 -17.12
CA GLU A 279 14.48 10.74 -17.33
C GLU A 279 15.39 11.34 -16.27
N CYS A 280 16.15 10.51 -15.53
CA CYS A 280 16.94 11.01 -14.41
C CYS A 280 18.36 10.45 -14.37
N ASN A 281 18.89 9.96 -15.50
CA ASN A 281 20.20 9.31 -15.46
C ASN A 281 21.31 10.27 -15.01
N ASP A 282 21.37 11.47 -15.59
CA ASP A 282 22.46 12.38 -15.26
C ASP A 282 22.33 12.93 -13.86
N TRP A 283 21.10 13.12 -13.36
CA TRP A 283 20.92 13.48 -11.97
C TRP A 283 21.49 12.41 -11.05
N LEU A 284 21.32 11.15 -11.43
CA LEU A 284 21.84 10.06 -10.61
C LEU A 284 23.37 10.04 -10.69
N ASN A 285 23.95 10.32 -11.87
CA ASN A 285 25.40 10.29 -11.97
C ASN A 285 26.04 11.36 -11.11
N LYS A 286 25.43 12.55 -11.09
CA LYS A 286 25.88 13.65 -10.25
C LYS A 286 25.62 13.38 -8.77
N ILE A 287 24.47 12.78 -8.44
CA ILE A 287 24.17 12.54 -7.03
C ILE A 287 25.11 11.49 -6.43
N ARG A 288 25.59 10.54 -7.25
CA ARG A 288 26.56 9.57 -6.76
C ARG A 288 27.86 10.25 -6.35
N LEU A 289 28.32 11.22 -7.16
CA LEU A 289 29.61 11.82 -6.89
C LEU A 289 29.56 12.78 -5.71
N TYR A 290 28.40 13.43 -5.51
CA TYR A 290 28.19 14.26 -4.33
C TYR A 290 28.34 13.43 -3.05
N ILE A 291 27.63 12.29 -2.99
CA ILE A 291 27.63 11.48 -1.77
C ILE A 291 28.99 10.84 -1.54
N GLU A 292 29.58 10.20 -2.57
CA GLU A 292 30.91 9.59 -2.41
C GLU A 292 31.92 10.61 -1.94
N ASP A 293 31.87 11.80 -2.52
CA ASP A 293 32.74 12.88 -2.08
C ASP A 293 32.38 13.36 -0.69
N ASN A 294 31.08 13.33 -0.36
CA ASN A 294 30.64 13.59 1.00
C ASN A 294 31.22 12.58 1.97
N ALA A 295 31.30 11.31 1.53
CA ALA A 295 31.82 10.28 2.42
C ALA A 295 33.27 10.54 2.75
N LYS A 296 34.06 10.86 1.72
CA LYS A 296 35.48 11.12 1.89
C LYS A 296 35.69 12.37 2.73
N PHE A 297 34.77 13.33 2.66
CA PHE A 297 34.93 14.50 3.50
C PHE A 297 34.76 14.13 4.96
N ALA A 298 33.69 13.41 5.28
CA ALA A 298 33.43 13.03 6.68
C ALA A 298 34.58 12.19 7.28
N CYS A 299 35.13 11.24 6.53
CA CYS A 299 36.17 10.34 7.08
C CYS A 299 37.47 11.13 7.27
N GLU A 300 37.73 12.11 6.41
CA GLU A 300 38.90 12.99 6.57
C GLU A 300 38.64 13.90 7.76
N TYR A 301 37.40 14.37 7.91
CA TYR A 301 37.08 15.22 9.04
C TYR A 301 37.32 14.49 10.36
N MET A 302 36.95 13.22 10.43
CA MET A 302 37.01 12.53 11.72
C MET A 302 38.43 12.17 12.10
N LYS A 303 39.28 11.91 11.10
CA LYS A 303 40.68 11.67 11.40
C LYS A 303 41.36 12.93 11.94
N ASP A 304 41.04 14.09 11.38
CA ASP A 304 41.67 15.34 11.78
C ASP A 304 41.04 15.94 13.04
N HIS A 305 39.77 15.65 13.30
CA HIS A 305 39.04 16.42 14.30
C HIS A 305 38.42 15.60 15.42
N ILE A 306 37.99 14.37 15.16
CA ILE A 306 37.43 13.51 16.21
C ILE A 306 38.21 12.20 16.22
N PRO A 307 39.49 12.21 16.57
CA PRO A 307 40.29 10.97 16.45
C PRO A 307 39.86 9.89 17.40
N THR A 308 39.04 10.21 18.39
CA THR A 308 38.42 9.20 19.25
C THR A 308 37.45 8.29 18.51
N LEU A 309 37.20 8.54 17.22
CA LEU A 309 36.10 7.88 16.52
C LEU A 309 36.59 7.07 15.33
N SER A 310 36.14 5.81 15.29
CA SER A 310 36.30 4.82 14.25
C SER A 310 35.15 4.86 13.23
N VAL A 311 35.47 4.78 11.94
CA VAL A 311 34.52 4.85 10.84
C VAL A 311 34.75 3.74 9.81
N THR A 312 33.73 2.93 9.60
CA THR A 312 33.67 1.99 8.48
C THR A 312 33.70 2.75 7.15
N LYS A 313 34.67 2.44 6.31
CA LYS A 313 34.75 3.07 4.99
C LYS A 313 33.56 2.61 4.16
N PRO A 314 32.64 3.48 3.78
CA PRO A 314 31.49 3.04 3.00
C PRO A 314 31.88 2.82 1.56
N GLU A 315 31.10 1.96 0.89
CA GLU A 315 31.27 1.68 -0.52
C GLU A 315 30.02 1.97 -1.34
N GLY A 316 28.87 2.22 -0.71
CA GLY A 316 27.66 2.58 -1.44
C GLY A 316 26.58 3.11 -0.52
N SER A 317 25.51 3.66 -1.13
CA SER A 317 24.42 4.33 -0.41
C SER A 317 24.98 5.53 0.34
N PHE A 318 24.17 6.19 1.18
CA PHE A 318 24.61 7.44 1.81
C PHE A 318 24.58 7.38 3.34
N LEU A 319 24.85 6.22 3.92
CA LEU A 319 24.87 6.08 5.37
C LEU A 319 26.31 5.92 5.84
N LEU A 320 26.59 6.38 7.04
CA LEU A 320 27.95 6.33 7.57
C LEU A 320 27.94 5.64 8.93
N TRP A 321 28.75 4.61 9.06
CA TRP A 321 28.80 3.74 10.21
C TRP A 321 30.03 4.10 11.05
N ILE A 322 29.80 4.55 12.28
CA ILE A 322 30.83 5.10 13.14
C ILE A 322 30.91 4.29 14.43
N ASP A 323 32.09 3.73 14.72
CA ASP A 323 32.27 3.03 15.99
C ASP A 323 32.70 4.02 17.08
N CYS A 324 31.94 4.08 18.17
CA CYS A 324 32.26 5.00 19.26
C CYS A 324 32.89 4.31 20.47
N SER A 325 33.29 3.04 20.34
CA SER A 325 33.70 2.24 21.49
C SER A 325 34.85 2.84 22.30
N ALA A 326 35.64 3.76 21.73
CA ALA A 326 36.77 4.31 22.49
C ALA A 326 36.31 5.28 23.57
N LEU A 327 35.24 6.00 23.30
CA LEU A 327 34.56 6.82 24.28
C LEU A 327 34.16 6.07 25.54
N ASN A 328 34.09 4.74 25.50
CA ASN A 328 33.72 3.95 26.66
C ASN A 328 32.49 4.55 27.35
N LEU A 329 31.41 4.66 26.56
CA LEU A 329 30.17 5.28 26.99
C LEU A 329 28.96 4.36 26.78
N SER A 330 28.01 4.45 27.69
CA SER A 330 26.80 3.68 27.53
C SER A 330 25.99 4.28 26.40
N GLN A 331 25.08 3.49 25.86
CA GLN A 331 24.14 4.01 24.87
C GLN A 331 23.42 5.22 25.47
N ASP A 332 22.92 5.08 26.70
CA ASP A 332 22.22 6.17 27.37
C ASP A 332 23.09 7.41 27.46
N GLU A 333 24.32 7.28 27.99
CA GLU A 333 25.13 8.47 28.13
C GLU A 333 25.65 8.99 26.79
N ARG A 334 25.70 8.16 25.75
CA ARG A 334 26.11 8.64 24.41
C ARG A 334 24.94 9.43 23.79
N THR A 335 23.76 8.82 23.73
CA THR A 335 22.61 9.47 23.10
C THR A 335 22.27 10.79 23.79
N LYS A 336 22.14 10.75 25.13
CA LYS A 336 21.75 11.94 25.88
C LYS A 336 22.75 13.06 25.65
N LEU A 337 24.04 12.74 25.69
CA LEU A 337 25.06 13.74 25.41
C LEU A 337 24.91 14.29 24.00
N LEU A 338 24.59 13.42 23.04
CA LEU A 338 24.42 13.86 21.66
C LEU A 338 23.28 14.85 21.54
N GLU A 339 22.19 14.63 22.27
CA GLU A 339 21.08 15.56 22.12
C GLU A 339 21.32 16.82 22.92
N GLU A 340 21.83 16.68 24.13
CA GLU A 340 21.96 17.83 25.03
C GLU A 340 23.14 18.70 24.66
N LYS A 341 24.33 18.11 24.59
CA LYS A 341 25.56 18.86 24.31
C LYS A 341 25.71 19.18 22.82
N GLY A 342 25.34 18.25 21.94
CA GLY A 342 25.53 18.47 20.52
C GLY A 342 24.31 18.91 19.73
N LYS A 343 23.13 18.85 20.34
CA LYS A 343 21.88 19.24 19.68
C LYS A 343 21.69 18.49 18.36
N ILE A 344 21.71 17.16 18.43
CA ILE A 344 21.67 16.31 17.23
C ILE A 344 21.18 14.92 17.58
N ILE A 345 20.41 14.33 16.67
CA ILE A 345 19.91 12.97 16.85
C ILE A 345 20.52 12.08 15.76
N VAL A 346 21.44 11.21 16.18
CA VAL A 346 22.04 10.25 15.28
C VAL A 346 21.30 8.93 15.42
N GLU A 347 21.65 7.98 14.59
CA GLU A 347 21.03 6.67 14.66
C GLU A 347 21.77 5.76 15.62
N PRO A 348 21.12 5.25 16.67
CA PRO A 348 21.80 4.33 17.60
C PRO A 348 21.99 2.95 16.98
N GLY A 349 23.22 2.45 17.01
CA GLY A 349 23.60 1.17 16.44
C GLY A 349 23.11 -0.07 17.18
N GLU A 350 22.83 0.05 18.48
CA GLU A 350 22.49 -1.13 19.28
C GLU A 350 21.24 -1.84 18.75
N LYS A 351 20.38 -1.13 18.06
CA LYS A 351 19.17 -1.77 17.57
C LYS A 351 19.40 -2.56 16.28
N TYR A 352 20.66 -2.64 15.82
CA TYR A 352 21.00 -3.32 14.58
C TYR A 352 21.52 -4.71 14.84
N GLY A 353 21.46 -5.16 16.10
CA GLY A 353 21.91 -6.49 16.45
C GLY A 353 23.36 -6.55 16.90
N LEU A 354 23.92 -7.77 16.83
CA LEU A 354 25.29 -7.96 17.27
C LEU A 354 26.27 -7.18 16.38
N GLY A 355 27.12 -6.39 17.01
CA GLY A 355 28.02 -5.56 16.25
C GLY A 355 27.49 -4.17 16.03
N GLY A 356 26.30 -3.89 16.51
CA GLY A 356 25.79 -2.54 16.50
C GLY A 356 26.05 -1.78 17.79
N GLU A 357 26.43 -2.47 18.86
CA GLU A 357 26.56 -1.80 20.15
C GLU A 357 27.76 -0.86 20.17
N GLU A 358 27.56 0.31 20.76
CA GLU A 358 28.56 1.37 20.82
C GLU A 358 28.86 1.93 19.43
N HIS A 359 27.94 1.76 18.51
CA HIS A 359 28.00 2.40 17.21
C HIS A 359 26.87 3.40 17.05
N ILE A 360 27.11 4.38 16.18
CA ILE A 360 26.10 5.31 15.70
C ILE A 360 26.17 5.27 14.18
N ARG A 361 25.12 5.79 13.56
CA ARG A 361 25.05 5.92 12.11
C ARG A 361 24.54 7.31 11.79
N ILE A 362 25.13 7.95 10.79
CA ILE A 362 24.63 9.25 10.38
C ILE A 362 24.36 9.21 8.88
N ASN A 363 23.44 10.07 8.45
CA ASN A 363 22.99 10.19 7.08
C ASN A 363 23.86 11.22 6.38
N ILE A 364 24.55 10.81 5.31
CA ILE A 364 25.40 11.74 4.57
C ILE A 364 24.75 12.13 3.25
N GLY A 365 23.43 11.94 3.13
CA GLY A 365 22.67 12.37 1.99
C GLY A 365 22.23 13.81 2.15
N CYS A 366 23.15 14.65 2.56
CA CYS A 366 22.85 16.04 2.85
C CYS A 366 23.75 16.93 2.01
N PRO A 367 23.31 18.15 1.72
CA PRO A 367 24.23 19.19 1.29
C PRO A 367 25.46 19.22 2.18
N ARG A 368 26.61 19.50 1.55
CA ARG A 368 27.89 19.47 2.29
C ARG A 368 27.85 20.36 3.52
N SER A 369 27.42 21.62 3.34
CA SER A 369 27.22 22.56 4.44
C SER A 369 26.60 21.89 5.66
N VAL A 370 25.49 21.16 5.47
CA VAL A 370 24.81 20.50 6.58
C VAL A 370 25.67 19.38 7.14
N LEU A 371 26.48 18.73 6.30
CA LEU A 371 27.42 17.73 6.82
C LEU A 371 28.50 18.38 7.66
N GLU A 372 29.03 19.52 7.22
CA GLU A 372 29.88 20.33 8.09
C GLU A 372 29.23 20.49 9.45
N GLU A 373 27.97 20.91 9.47
CA GLU A 373 27.32 21.16 10.74
C GLU A 373 27.21 19.88 11.56
N ILE A 374 27.03 18.73 10.91
CA ILE A 374 26.94 17.48 11.65
C ILE A 374 28.29 17.12 12.26
N LEU A 375 29.34 17.15 11.45
CA LEU A 375 30.67 16.80 11.93
C LEU A 375 31.11 17.70 13.09
N ASN A 376 30.91 19.01 12.95
CA ASN A 376 31.30 19.93 14.01
C ASN A 376 30.66 19.56 15.35
N ARG A 377 29.38 19.14 15.30
CA ARG A 377 28.63 18.82 16.53
C ARG A 377 29.10 17.54 17.17
N LEU A 378 29.41 16.53 16.35
CA LEU A 378 30.02 15.30 16.87
C LEU A 378 31.30 15.63 17.60
N ARG A 379 32.13 16.47 16.98
CA ARG A 379 33.42 16.86 17.56
C ARG A 379 33.19 17.51 18.90
N HIS A 380 32.31 18.50 18.96
CA HIS A 380 32.00 19.17 20.20
C HIS A 380 31.37 18.22 21.22
N THR A 381 30.60 17.24 20.74
CA THR A 381 29.88 16.34 21.64
C THR A 381 30.83 15.59 22.57
N PHE A 382 31.75 14.81 22.00
CA PHE A 382 32.49 13.88 22.82
C PHE A 382 33.79 14.44 23.36
N SER A 383 34.26 15.58 22.86
CA SER A 383 35.42 16.23 23.47
C SER A 383 35.04 17.64 23.91
N MET B 1 -24.41 21.46 -12.24
CA MET B 1 -23.95 22.49 -13.15
C MET B 1 -23.27 21.82 -14.34
N GLN B 2 -22.38 22.53 -15.04
CA GLN B 2 -21.61 21.94 -16.13
C GLN B 2 -20.43 21.13 -15.59
N LEU B 3 -20.54 20.72 -14.34
CA LEU B 3 -19.43 19.94 -13.77
C LEU B 3 -19.54 18.50 -14.26
N PHE B 4 -20.74 17.95 -14.30
CA PHE B 4 -20.87 16.51 -14.50
C PHE B 4 -21.44 16.10 -15.84
N HIS B 5 -21.67 17.02 -16.76
CA HIS B 5 -22.05 16.60 -18.10
C HIS B 5 -20.85 16.41 -19.03
N LYS B 6 -19.64 16.76 -18.58
CA LYS B 6 -18.46 16.68 -19.49
C LYS B 6 -17.94 15.26 -19.61
N ALA B 7 -18.18 14.56 -20.72
CA ALA B 7 -17.61 13.24 -21.00
C ALA B 7 -16.09 13.32 -21.06
N ILE B 8 -15.43 12.37 -20.41
CA ILE B 8 -13.98 12.42 -20.23
C ILE B 8 -13.36 11.29 -21.03
N ASN B 9 -12.35 11.62 -21.86
CA ASN B 9 -11.60 10.65 -22.69
C ASN B 9 -10.55 9.96 -21.83
N ARG B 10 -10.90 8.82 -21.27
CA ARG B 10 -9.98 8.15 -20.36
C ARG B 10 -9.42 6.84 -20.91
N ARG B 11 -9.53 6.61 -22.22
CA ARG B 11 -8.77 5.52 -22.82
C ARG B 11 -7.37 6.05 -23.13
N GLY B 12 -6.36 5.27 -22.75
CA GLY B 12 -5.00 5.75 -22.77
C GLY B 12 -4.67 6.54 -21.53
N THR B 13 -5.14 6.09 -20.36
CA THR B 13 -4.78 6.65 -19.06
C THR B 13 -4.43 5.57 -18.03
N HIS B 14 -4.24 4.32 -18.50
CA HIS B 14 -3.95 3.13 -17.70
C HIS B 14 -4.90 2.89 -16.52
N SER B 15 -6.10 3.48 -16.54
CA SER B 15 -7.12 3.16 -15.55
C SER B 15 -7.93 1.97 -16.03
N ILE B 16 -8.21 1.05 -15.10
CA ILE B 16 -8.88 -0.22 -15.36
C ILE B 16 -10.20 -0.02 -16.12
N LYS B 17 -10.69 1.22 -16.18
CA LYS B 17 -11.99 1.52 -16.79
C LYS B 17 -12.01 1.25 -18.30
N TRP B 18 -11.21 1.98 -19.07
CA TRP B 18 -11.31 1.88 -20.55
C TRP B 18 -10.07 1.25 -21.20
N ASP B 19 -9.17 0.57 -20.46
CA ASP B 19 -7.92 0.13 -21.07
C ASP B 19 -7.68 -1.37 -21.02
N THR B 20 -8.70 -2.17 -20.67
CA THR B 20 -8.52 -3.63 -20.68
C THR B 20 -8.41 -4.12 -22.11
N TYR B 21 -9.44 -3.83 -22.90
CA TYR B 21 -9.61 -4.09 -24.31
C TYR B 21 -9.37 -2.81 -25.10
N LYS B 22 -8.99 -2.97 -26.36
CA LYS B 22 -8.58 -1.81 -27.14
C LYS B 22 -9.39 -1.62 -28.44
N ASN B 23 -10.62 -2.14 -28.52
CA ASN B 23 -11.59 -1.72 -29.53
C ASN B 23 -12.34 -0.49 -29.02
N GLU B 24 -12.28 0.61 -29.77
CA GLU B 24 -12.63 1.92 -29.20
C GLU B 24 -14.12 2.16 -28.98
N GLU B 25 -15.00 1.68 -29.87
CA GLU B 25 -16.43 1.91 -29.67
C GLU B 25 -16.92 1.27 -28.39
N LEU B 26 -16.21 0.24 -27.91
CA LEU B 26 -16.67 -0.55 -26.76
C LEU B 26 -16.92 0.37 -25.58
N ILE B 27 -17.97 0.06 -24.83
CA ILE B 27 -18.18 0.66 -23.52
C ILE B 27 -17.99 -0.41 -22.47
N HIS B 28 -17.26 -0.21 -21.41
CA HIS B 28 -16.93 -1.15 -20.31
C HIS B 28 -17.68 -0.58 -19.12
N ALA B 29 -18.92 -0.97 -18.95
CA ALA B 29 -19.78 -0.43 -17.89
C ALA B 29 -19.58 -1.20 -16.58
N TRP B 30 -18.48 -1.92 -16.49
CA TRP B 30 -18.30 -2.82 -15.33
C TRP B 30 -17.49 -2.21 -14.20
N ILE B 31 -16.71 -1.14 -14.36
CA ILE B 31 -15.77 -0.64 -13.32
C ILE B 31 -16.57 0.15 -12.29
N ALA B 32 -16.17 0.13 -11.00
CA ALA B 32 -16.97 0.86 -10.02
C ALA B 32 -16.31 2.15 -9.54
N ASP B 33 -15.56 2.82 -10.41
CA ASP B 33 -15.17 4.20 -10.20
C ASP B 33 -16.05 5.08 -11.09
N MET B 34 -16.22 6.31 -10.69
CA MET B 34 -17.13 7.19 -11.41
C MET B 34 -16.45 7.86 -12.58
N ASP B 35 -17.28 8.29 -13.53
CA ASP B 35 -16.84 9.10 -14.66
C ASP B 35 -16.94 10.57 -14.39
N PHE B 36 -16.61 10.99 -13.19
CA PHE B 36 -16.69 12.38 -12.78
C PHE B 36 -15.31 12.79 -12.34
N GLU B 37 -14.92 14.01 -12.69
CA GLU B 37 -13.62 14.49 -12.30
C GLU B 37 -13.58 14.68 -10.79
N VAL B 38 -12.39 14.45 -10.22
CA VAL B 38 -12.09 14.77 -8.82
C VAL B 38 -12.43 16.23 -8.55
N PRO B 39 -13.01 16.57 -7.39
CA PRO B 39 -13.21 17.99 -7.06
C PRO B 39 -11.94 18.79 -7.24
N LYS B 40 -12.09 19.99 -7.79
CA LYS B 40 -10.94 20.88 -7.99
C LYS B 40 -10.11 21.09 -6.73
N PRO B 41 -10.69 21.26 -5.52
CA PRO B 41 -9.85 21.39 -4.31
C PRO B 41 -8.94 20.21 -4.05
N ILE B 42 -9.23 19.02 -4.59
CA ILE B 42 -8.31 17.90 -4.43
C ILE B 42 -7.15 18.05 -5.39
N GLN B 43 -7.42 18.42 -6.64
CA GLN B 43 -6.35 18.66 -7.58
C GLN B 43 -5.48 19.81 -7.13
N THR B 44 -6.08 20.81 -6.48
CA THR B 44 -5.31 21.91 -5.93
C THR B 44 -4.50 21.48 -4.71
N ALA B 45 -5.07 20.61 -3.87
CA ALA B 45 -4.32 20.09 -2.74
C ALA B 45 -3.13 19.27 -3.20
N LEU B 46 -3.29 18.53 -4.31
CA LEU B 46 -2.18 17.71 -4.81
C LEU B 46 -1.11 18.59 -5.43
N LYS B 47 -1.52 19.58 -6.24
CA LYS B 47 -0.56 20.52 -6.82
C LYS B 47 0.20 21.26 -5.74
N GLN B 48 -0.48 21.67 -4.67
CA GLN B 48 0.17 22.44 -3.62
C GLN B 48 1.30 21.65 -2.97
N ARG B 49 1.03 20.41 -2.55
CA ARG B 49 2.10 19.67 -1.89
C ARG B 49 3.24 19.32 -2.85
N ILE B 50 2.94 19.10 -4.13
CA ILE B 50 3.96 18.81 -5.14
C ILE B 50 4.94 19.96 -5.30
N LYS B 51 4.54 21.17 -4.90
CA LYS B 51 5.47 22.34 -4.95
C LYS B 51 6.66 22.11 -4.01
N HIS B 52 6.54 21.24 -3.01
CA HIS B 52 7.67 20.95 -2.14
C HIS B 52 8.37 19.71 -2.69
N PRO B 53 9.41 19.87 -3.41
CA PRO B 53 9.94 18.78 -4.23
C PRO B 53 10.74 17.73 -3.50
N ILE B 54 10.23 17.25 -2.37
CA ILE B 54 10.76 16.05 -1.74
C ILE B 54 9.59 15.21 -1.25
N PHE B 55 9.72 13.90 -1.40
CA PHE B 55 8.62 13.00 -1.19
C PHE B 55 9.05 11.79 -0.37
N GLY B 56 9.75 12.06 0.74
CA GLY B 56 10.20 10.99 1.61
C GLY B 56 9.06 10.45 2.47
N TYR B 57 9.44 9.70 3.49
CA TYR B 57 8.45 9.16 4.42
C TYR B 57 7.77 10.30 5.14
N THR B 58 6.45 10.28 5.20
CA THR B 58 5.78 11.35 5.91
C THR B 58 4.79 10.76 6.90
N LEU B 59 4.70 11.43 8.04
CA LEU B 59 3.74 11.12 9.08
C LEU B 59 2.33 11.57 8.69
N PRO B 60 1.29 11.02 9.32
CA PRO B 60 -0.06 11.51 9.05
C PRO B 60 -0.18 12.98 9.43
N PRO B 61 -1.01 13.76 8.67
CA PRO B 61 -1.18 15.18 8.90
C PRO B 61 -1.70 15.53 10.32
N GLU B 62 -1.00 16.35 11.13
CA GLU B 62 -1.37 16.58 12.53
C GLU B 62 -2.82 16.96 12.70
N ASN B 63 -3.48 17.46 11.63
CA ASN B 63 -4.88 17.86 11.71
C ASN B 63 -5.84 16.81 11.13
N ILE B 64 -5.34 15.63 10.77
CA ILE B 64 -6.21 14.65 10.10
C ILE B 64 -7.16 14.00 11.09
N GLY B 65 -6.72 13.82 12.33
CA GLY B 65 -7.51 13.13 13.33
C GLY B 65 -8.76 13.87 13.76
N ASP B 66 -8.70 15.21 13.85
CA ASP B 66 -9.91 15.94 14.19
C ASP B 66 -10.82 16.10 12.97
N ILE B 67 -10.20 16.26 11.79
CA ILE B 67 -10.92 16.28 10.50
C ILE B 67 -11.83 15.07 10.34
N ILE B 68 -11.34 13.89 10.71
CA ILE B 68 -12.14 12.65 10.49
C ILE B 68 -13.27 12.57 11.53
N CYS B 69 -13.00 12.94 12.77
CA CYS B 69 -14.05 12.95 13.83
C CYS B 69 -15.08 14.04 13.47
N ASN B 70 -14.62 15.13 12.87
CA ASN B 70 -15.57 16.17 12.41
C ASN B 70 -16.37 15.57 11.25
N TRP B 71 -15.71 14.81 10.38
CA TRP B 71 -16.43 14.25 9.24
C TRP B 71 -17.54 13.29 9.67
N THR B 72 -17.24 12.34 10.57
CA THR B 72 -18.23 11.36 11.00
C THR B 72 -19.35 12.02 11.79
N LYS B 73 -19.03 13.04 12.57
CA LYS B 73 -20.11 13.69 13.29
C LYS B 73 -20.99 14.47 12.31
N GLN B 74 -20.36 15.18 11.38
CA GLN B 74 -21.13 15.97 10.42
C GLN B 74 -22.00 15.08 9.51
N GLN B 75 -21.47 13.95 9.03
CA GLN B 75 -22.21 13.22 8.00
C GLN B 75 -23.20 12.19 8.55
N TYR B 76 -22.94 11.61 9.73
CA TYR B 76 -23.80 10.54 10.25
C TYR B 76 -24.22 10.70 11.72
N ASP B 77 -23.96 11.85 12.36
CA ASP B 77 -24.26 12.04 13.79
C ASP B 77 -23.55 11.00 14.67
N TRP B 78 -22.31 10.71 14.33
CA TRP B 78 -21.53 9.66 14.95
C TRP B 78 -20.34 10.31 15.63
N ASP B 79 -20.22 10.13 16.95
CA ASP B 79 -19.12 10.70 17.73
C ASP B 79 -18.05 9.64 17.87
N ILE B 80 -16.84 9.94 17.41
CA ILE B 80 -15.75 8.98 17.51
C ILE B 80 -14.56 9.65 18.19
N GLN B 81 -13.69 8.82 18.76
CA GLN B 81 -12.46 9.27 19.38
C GLN B 81 -11.28 9.14 18.42
N LYS B 82 -10.33 10.07 18.55
CA LYS B 82 -9.21 10.12 17.63
C LYS B 82 -8.41 8.81 17.63
N GLU B 83 -8.37 8.12 18.77
CA GLU B 83 -7.55 6.93 18.94
C GLU B 83 -8.19 5.67 18.40
N TRP B 84 -9.44 5.76 17.95
CA TRP B 84 -10.11 4.66 17.30
C TRP B 84 -9.67 4.54 15.88
N ILE B 85 -9.11 5.62 15.33
CA ILE B 85 -8.84 5.74 13.90
C ILE B 85 -7.55 5.00 13.55
N VAL B 86 -7.65 4.06 12.60
CA VAL B 86 -6.53 3.29 12.08
C VAL B 86 -6.53 3.41 10.57
N PHE B 87 -5.33 3.57 9.98
CA PHE B 87 -5.21 3.83 8.56
C PHE B 87 -5.02 2.53 7.79
N SER B 88 -5.51 2.53 6.55
CA SER B 88 -5.40 1.35 5.68
C SER B 88 -5.37 1.79 4.22
N ALA B 89 -4.43 1.22 3.47
CA ALA B 89 -4.29 1.49 2.05
C ALA B 89 -5.37 0.79 1.20
N GLY B 90 -6.62 0.79 1.63
CA GLY B 90 -7.72 0.22 0.85
C GLY B 90 -8.59 -0.64 1.75
N ILE B 91 -9.83 -0.88 1.31
CA ILE B 91 -10.78 -1.62 2.14
C ILE B 91 -10.50 -3.12 2.12
N VAL B 92 -10.16 -3.70 0.95
CA VAL B 92 -9.93 -5.14 0.87
C VAL B 92 -8.78 -5.58 1.76
N PRO B 93 -7.62 -4.91 1.79
CA PRO B 93 -6.59 -5.24 2.80
C PRO B 93 -7.12 -5.12 4.25
N ALA B 94 -8.08 -4.24 4.50
CA ALA B 94 -8.70 -4.16 5.81
C ALA B 94 -9.67 -5.33 6.07
N LEU B 95 -10.31 -5.86 5.03
CA LEU B 95 -11.12 -7.08 5.16
C LEU B 95 -10.27 -8.26 5.55
N SER B 96 -9.18 -8.47 4.78
CA SER B 96 -8.18 -9.50 5.06
C SER B 96 -7.54 -9.35 6.43
N THR B 97 -7.08 -8.15 6.75
CA THR B 97 -6.47 -7.95 8.08
C THR B 97 -7.41 -8.38 9.20
N SER B 98 -8.68 -7.96 9.11
CA SER B 98 -9.68 -8.34 10.12
C SER B 98 -9.83 -9.86 10.22
N ILE B 99 -9.90 -10.56 9.08
CA ILE B 99 -9.97 -12.03 9.12
C ILE B 99 -8.78 -12.61 9.87
N GLN B 100 -7.57 -12.11 9.56
CA GLN B 100 -6.37 -12.68 10.16
C GLN B 100 -6.26 -12.32 11.64
N ALA B 101 -6.72 -11.12 12.02
CA ALA B 101 -6.61 -10.69 13.42
C ALA B 101 -7.57 -11.45 14.34
N PHE B 102 -8.80 -11.71 13.90
CA PHE B 102 -9.87 -12.13 14.81
C PHE B 102 -10.46 -13.52 14.60
N THR B 103 -10.03 -14.25 13.57
CA THR B 103 -10.44 -15.63 13.35
C THR B 103 -9.21 -16.45 13.05
N LYS B 104 -9.23 -17.71 13.47
CA LYS B 104 -8.19 -18.65 13.09
C LYS B 104 -8.60 -19.44 11.85
N GLU B 105 -7.65 -20.18 11.28
CA GLU B 105 -7.97 -20.99 10.12
C GLU B 105 -9.18 -21.90 10.40
N ASN B 106 -10.04 -22.04 9.40
CA ASN B 106 -11.25 -22.88 9.36
C ASN B 106 -12.35 -22.34 10.25
N GLU B 107 -12.16 -21.24 10.95
CA GLU B 107 -13.26 -20.64 11.68
C GLU B 107 -14.14 -19.89 10.69
N SER B 108 -15.43 -19.74 11.03
CA SER B 108 -16.49 -19.40 10.06
C SER B 108 -16.72 -17.88 9.96
N VAL B 109 -16.55 -17.35 8.76
CA VAL B 109 -16.81 -15.95 8.40
C VAL B 109 -18.03 -15.95 7.49
N LEU B 110 -19.08 -15.19 7.85
CA LEU B 110 -20.32 -15.17 7.06
C LEU B 110 -20.45 -13.89 6.25
N VAL B 111 -20.97 -14.01 5.01
CA VAL B 111 -21.28 -12.89 4.13
C VAL B 111 -22.71 -13.10 3.61
N GLN B 112 -23.34 -12.04 3.06
CA GLN B 112 -24.77 -12.10 2.66
C GLN B 112 -24.93 -11.83 1.17
N PRO B 113 -24.89 -12.87 0.34
CA PRO B 113 -24.92 -12.68 -1.10
C PRO B 113 -26.32 -12.37 -1.57
N PRO B 114 -26.48 -11.67 -2.71
CA PRO B 114 -25.38 -11.35 -3.64
C PRO B 114 -24.39 -10.28 -3.15
N ILE B 115 -23.10 -10.61 -3.16
CA ILE B 115 -22.11 -9.69 -2.55
C ILE B 115 -20.81 -9.48 -3.33
N TYR B 116 -20.29 -8.26 -3.30
CA TYR B 116 -18.96 -7.87 -3.85
C TYR B 116 -17.98 -9.05 -3.75
N PRO B 117 -17.33 -9.54 -4.84
CA PRO B 117 -16.58 -10.81 -4.79
C PRO B 117 -15.43 -10.81 -3.78
N PRO B 118 -14.68 -9.70 -3.61
CA PRO B 118 -13.62 -9.73 -2.58
C PRO B 118 -14.09 -10.19 -1.20
N PHE B 119 -15.38 -10.05 -0.86
CA PHE B 119 -15.90 -10.63 0.38
C PHE B 119 -15.63 -12.13 0.45
N PHE B 120 -15.89 -12.85 -0.65
CA PHE B 120 -15.57 -14.28 -0.67
C PHE B 120 -14.05 -14.49 -0.74
N GLU B 121 -13.35 -13.72 -1.58
CA GLU B 121 -11.99 -14.09 -1.95
C GLU B 121 -11.10 -14.08 -0.73
N MET B 122 -11.26 -13.06 0.11
CA MET B 122 -10.44 -12.91 1.30
C MET B 122 -10.76 -13.95 2.36
N VAL B 123 -12.01 -14.47 2.38
CA VAL B 123 -12.31 -15.60 3.26
C VAL B 123 -11.61 -16.87 2.77
N THR B 124 -11.84 -17.25 1.51
CA THR B 124 -11.36 -18.56 1.06
C THR B 124 -9.84 -18.54 0.86
N THR B 125 -9.29 -17.49 0.24
CA THR B 125 -7.85 -17.41 0.10
C THR B 125 -7.16 -17.26 1.44
N ASN B 126 -7.92 -17.03 2.51
CA ASN B 126 -7.41 -17.00 3.87
C ASN B 126 -7.78 -18.24 4.65
N ASN B 127 -8.25 -19.27 3.97
CA ASN B 127 -8.45 -20.60 4.56
C ASN B 127 -9.43 -20.58 5.73
N ARG B 128 -10.36 -19.64 5.73
CA ARG B 128 -11.42 -19.62 6.72
C ARG B 128 -12.68 -20.28 6.17
N GLN B 129 -13.52 -20.78 7.07
CA GLN B 129 -14.75 -21.43 6.66
C GLN B 129 -15.73 -20.39 6.16
N LEU B 130 -16.13 -20.51 4.90
CA LEU B 130 -17.05 -19.56 4.28
C LEU B 130 -18.47 -20.02 4.56
N CYS B 131 -19.25 -19.15 5.22
CA CYS B 131 -20.66 -19.36 5.42
C CYS B 131 -21.42 -18.24 4.75
N VAL B 132 -22.71 -18.47 4.50
CA VAL B 132 -23.53 -17.49 3.82
C VAL B 132 -24.89 -17.35 4.51
N SER B 133 -25.48 -16.16 4.37
CA SER B 133 -26.91 -16.01 4.62
C SER B 133 -27.43 -15.13 3.48
N PRO B 134 -28.00 -15.73 2.43
CA PRO B 134 -28.36 -14.92 1.27
C PRO B 134 -29.53 -13.98 1.59
N LEU B 135 -29.50 -12.82 0.96
CA LEU B 135 -30.60 -11.88 1.04
C LEU B 135 -31.77 -12.38 0.21
N GLN B 136 -32.96 -11.90 0.54
CA GLN B 136 -34.17 -12.36 -0.14
C GLN B 136 -34.73 -11.21 -0.97
N LYS B 137 -35.05 -11.50 -2.22
CA LYS B 137 -35.63 -10.49 -3.09
C LYS B 137 -37.07 -10.35 -2.65
N GLN B 138 -37.41 -9.22 -2.03
CA GLN B 138 -38.75 -9.08 -1.50
C GLN B 138 -39.27 -7.67 -1.74
N ASN B 139 -40.54 -7.53 -2.21
CA ASN B 139 -41.25 -6.22 -2.50
C ASN B 139 -40.41 -5.37 -3.42
N ASP B 140 -39.87 -5.95 -4.49
CA ASP B 140 -39.10 -5.28 -5.55
C ASP B 140 -37.64 -4.93 -5.19
N THR B 141 -37.20 -5.29 -3.99
CA THR B 141 -35.83 -4.95 -3.51
C THR B 141 -35.26 -6.18 -2.83
N TYR B 142 -34.35 -6.01 -1.90
CA TYR B 142 -33.80 -7.10 -1.11
C TYR B 142 -33.97 -6.84 0.38
N VAL B 143 -34.15 -7.93 1.13
CA VAL B 143 -34.28 -7.90 2.58
C VAL B 143 -33.43 -9.02 3.17
N ILE B 144 -33.21 -8.95 4.48
CA ILE B 144 -32.47 -9.96 5.22
C ILE B 144 -33.42 -11.01 5.76
N ASP B 145 -33.12 -12.29 5.49
CA ASP B 145 -33.85 -13.40 6.10
C ASP B 145 -33.23 -13.62 7.48
N PHE B 146 -33.71 -12.84 8.43
CA PHE B 146 -33.18 -12.86 9.79
C PHE B 146 -33.25 -14.23 10.45
N LYS B 147 -34.25 -15.04 10.11
CA LYS B 147 -34.34 -16.34 10.76
C LYS B 147 -33.23 -17.26 10.28
N HIS B 148 -32.96 -17.26 8.98
CA HIS B 148 -31.81 -18.01 8.44
C HIS B 148 -30.51 -17.46 9.00
N LEU B 149 -30.37 -16.13 8.97
CA LEU B 149 -29.17 -15.52 9.52
C LEU B 149 -28.91 -16.04 10.93
N GLU B 150 -29.96 -16.11 11.73
CA GLU B 150 -29.83 -16.61 13.09
C GLU B 150 -29.41 -18.08 13.12
N LYS B 151 -30.06 -18.91 12.29
CA LYS B 151 -29.70 -20.32 12.20
C LYS B 151 -28.19 -20.50 11.98
N GLN B 152 -27.56 -19.60 11.21
CA GLN B 152 -26.11 -19.71 11.03
C GLN B 152 -25.35 -19.30 12.29
N PHE B 153 -25.79 -18.23 12.95
CA PHE B 153 -25.12 -17.76 14.17
C PHE B 153 -25.07 -18.82 15.25
N GLN B 154 -26.13 -19.62 15.35
CA GLN B 154 -26.13 -20.72 16.32
C GLN B 154 -25.06 -21.76 16.00
N GLN B 155 -24.71 -21.94 14.72
CA GLN B 155 -23.71 -22.92 14.31
C GLN B 155 -22.26 -22.43 14.48
N GLY B 156 -22.02 -21.30 15.16
CA GLY B 156 -20.66 -20.94 15.55
C GLY B 156 -19.93 -19.87 14.77
N ILE B 157 -20.63 -18.99 14.04
CA ILE B 157 -20.00 -17.88 13.32
C ILE B 157 -19.15 -17.04 14.28
N LYS B 158 -17.94 -16.71 13.86
CA LYS B 158 -17.06 -15.90 14.69
C LYS B 158 -16.96 -14.46 14.24
N LEU B 159 -17.20 -14.19 12.97
CA LEU B 159 -16.95 -12.90 12.36
C LEU B 159 -17.91 -12.73 11.20
N MET B 160 -18.45 -11.54 11.03
CA MET B 160 -19.33 -11.26 9.91
C MET B 160 -18.80 -10.08 9.12
N LEU B 161 -18.90 -10.17 7.78
CA LEU B 161 -18.60 -9.08 6.86
C LEU B 161 -19.90 -8.43 6.40
N LEU B 162 -20.21 -7.28 6.96
CA LEU B 162 -21.36 -6.49 6.58
C LEU B 162 -20.96 -5.39 5.62
N CYS B 163 -21.62 -5.32 4.47
CA CYS B 163 -21.40 -4.25 3.51
C CYS B 163 -22.61 -3.35 3.57
N SER B 164 -22.40 -2.05 3.85
CA SER B 164 -23.51 -1.12 4.12
C SER B 164 -23.08 0.29 3.76
N PRO B 165 -23.58 0.88 2.66
CA PRO B 165 -24.56 0.29 1.70
C PRO B 165 -24.06 -0.98 0.99
N HIS B 166 -25.00 -1.83 0.53
CA HIS B 166 -24.67 -3.16 0.02
C HIS B 166 -24.31 -3.08 -1.46
N ASN B 167 -23.07 -3.36 -1.78
CA ASN B 167 -22.68 -3.53 -3.17
C ASN B 167 -23.05 -4.95 -3.61
N PRO B 168 -23.84 -5.14 -4.70
CA PRO B 168 -24.30 -4.25 -5.78
C PRO B 168 -25.77 -3.91 -5.81
N ILE B 169 -26.52 -4.26 -4.76
CA ILE B 169 -27.97 -4.13 -4.76
C ILE B 169 -28.42 -2.79 -4.22
N GLY B 170 -27.50 -1.97 -3.74
CA GLY B 170 -27.76 -0.59 -3.36
C GLY B 170 -28.50 -0.38 -2.07
N ARG B 171 -28.64 -1.40 -1.23
CA ARG B 171 -29.45 -1.29 -0.02
C ARG B 171 -28.74 -0.45 1.04
N VAL B 172 -29.43 0.56 1.53
CA VAL B 172 -29.03 1.35 2.69
C VAL B 172 -29.85 0.86 3.86
N TRP B 173 -29.19 0.17 4.81
CA TRP B 173 -29.95 -0.54 5.82
C TRP B 173 -30.59 0.41 6.83
N THR B 174 -31.84 0.15 7.16
CA THR B 174 -32.54 0.97 8.12
C THR B 174 -31.98 0.74 9.52
N LYS B 175 -32.22 1.70 10.40
CA LYS B 175 -31.77 1.51 11.77
C LYS B 175 -32.41 0.29 12.38
N GLU B 176 -33.65 0.05 12.01
CA GLU B 176 -34.40 -1.08 12.54
C GLU B 176 -33.86 -2.40 12.02
N GLU B 177 -33.51 -2.45 10.72
CA GLU B 177 -32.85 -3.64 10.18
C GLU B 177 -31.53 -3.90 10.91
N LEU B 178 -30.69 -2.84 11.02
CA LEU B 178 -29.40 -2.97 11.70
C LEU B 178 -29.58 -3.21 13.20
N ILE B 179 -30.64 -2.70 13.81
CA ILE B 179 -30.76 -2.98 15.24
C ILE B 179 -30.99 -4.46 15.45
N LYS B 180 -31.78 -5.07 14.57
CA LYS B 180 -32.06 -6.50 14.63
C LYS B 180 -30.80 -7.31 14.32
N LEU B 181 -29.97 -6.80 13.42
CA LEU B 181 -28.68 -7.44 13.14
C LEU B 181 -27.77 -7.37 14.36
N GLY B 182 -27.64 -6.18 14.96
CA GLY B 182 -26.78 -6.05 16.12
C GLY B 182 -27.17 -6.96 17.26
N SER B 183 -28.46 -6.99 17.60
CA SER B 183 -28.92 -7.81 18.72
C SER B 183 -28.57 -9.27 18.52
N LEU B 184 -28.62 -9.74 17.26
CA LEU B 184 -28.23 -11.12 16.96
C LEU B 184 -26.72 -11.31 17.13
N CYS B 185 -25.92 -10.28 16.80
CA CYS B 185 -24.47 -10.40 16.95
C CYS B 185 -24.03 -10.39 18.41
N THR B 186 -24.71 -9.60 19.24
CA THR B 186 -24.47 -9.65 20.69
C THR B 186 -24.81 -11.02 21.25
N LYS B 187 -26.01 -11.52 20.95
CA LYS B 187 -26.44 -12.82 21.46
C LYS B 187 -25.41 -13.92 21.15
N TYR B 188 -24.91 -14.00 19.92
CA TYR B 188 -24.04 -15.10 19.53
C TYR B 188 -22.57 -14.67 19.40
N ASN B 189 -22.21 -13.50 19.93
CA ASN B 189 -20.85 -12.98 19.94
C ASN B 189 -20.19 -13.06 18.56
N VAL B 190 -20.78 -12.35 17.62
CA VAL B 190 -20.24 -12.24 16.27
C VAL B 190 -19.56 -10.89 16.18
N ILE B 191 -18.31 -10.89 15.72
CA ILE B 191 -17.60 -9.66 15.38
C ILE B 191 -18.06 -9.23 13.99
N VAL B 192 -18.23 -7.93 13.80
CA VAL B 192 -18.68 -7.40 12.53
C VAL B 192 -17.60 -6.49 11.98
N VAL B 193 -17.19 -6.75 10.75
CA VAL B 193 -16.44 -5.80 9.97
C VAL B 193 -17.45 -5.16 9.05
N ALA B 194 -17.57 -3.86 9.17
CA ALA B 194 -18.56 -3.08 8.47
C ALA B 194 -17.89 -2.41 7.27
N ASP B 195 -18.23 -2.89 6.08
CA ASP B 195 -17.83 -2.28 4.82
C ASP B 195 -18.79 -1.12 4.54
N GLU B 196 -18.35 0.09 4.83
CA GLU B 196 -19.20 1.29 4.73
C GLU B 196 -18.49 2.29 3.85
N ILE B 197 -17.76 1.76 2.88
CA ILE B 197 -17.04 2.62 1.96
C ILE B 197 -17.99 3.47 1.13
N HIS B 198 -19.27 3.08 1.05
CA HIS B 198 -20.25 3.84 0.29
C HIS B 198 -21.11 4.75 1.17
N SER B 199 -20.74 4.95 2.46
CA SER B 199 -21.52 5.75 3.42
C SER B 199 -21.87 7.16 2.92
N ASP B 200 -21.14 7.73 1.98
CA ASP B 200 -21.34 9.15 1.69
C ASP B 200 -22.15 9.42 0.44
N ILE B 201 -22.60 8.38 -0.27
CA ILE B 201 -23.55 8.64 -1.36
C ILE B 201 -24.88 7.97 -1.05
N ILE B 202 -25.70 8.66 -0.26
CA ILE B 202 -27.03 8.21 0.11
C ILE B 202 -28.05 9.12 -0.57
N TYR B 203 -29.13 8.52 -1.08
CA TYR B 203 -30.16 9.25 -1.79
C TYR B 203 -31.07 9.99 -0.81
N ALA B 204 -32.11 10.64 -1.38
CA ALA B 204 -32.87 11.67 -0.66
C ALA B 204 -33.66 11.11 0.52
N ASP B 205 -34.33 9.98 0.31
CA ASP B 205 -35.23 9.42 1.30
C ASP B 205 -34.58 8.40 2.22
N HIS B 206 -33.25 8.44 2.38
CA HIS B 206 -32.54 7.40 3.12
C HIS B 206 -31.47 8.04 4.00
N THR B 207 -31.07 7.34 5.05
CA THR B 207 -30.04 7.80 5.97
C THR B 207 -29.02 6.70 6.20
N HIS B 208 -27.73 7.03 6.12
CA HIS B 208 -26.69 6.06 6.43
C HIS B 208 -26.51 5.96 7.94
N THR B 209 -26.65 4.76 8.49
CA THR B 209 -26.41 4.54 9.92
C THR B 209 -25.11 3.77 10.15
N PRO B 210 -24.06 4.35 10.72
CA PRO B 210 -22.88 3.51 11.01
C PRO B 210 -23.27 2.47 12.06
N PHE B 211 -23.01 1.20 11.75
CA PHE B 211 -23.46 0.11 12.61
C PHE B 211 -22.90 0.28 14.00
N ALA B 212 -21.60 0.59 14.06
CA ALA B 212 -20.97 0.85 15.33
C ALA B 212 -21.64 2.01 16.08
N SER B 213 -22.33 2.91 15.37
CA SER B 213 -22.89 4.10 16.02
C SER B 213 -24.08 3.78 16.94
N LEU B 214 -24.74 2.64 16.76
CA LEU B 214 -26.03 2.37 17.41
C LEU B 214 -25.89 2.27 18.92
N SER B 215 -24.85 1.60 19.40
CA SER B 215 -24.72 1.34 20.82
C SER B 215 -23.24 1.18 21.14
N GLU B 216 -22.93 1.31 22.44
CA GLU B 216 -21.55 1.07 22.88
C GLU B 216 -21.20 -0.40 22.74
N GLU B 217 -22.13 -1.29 23.07
CA GLU B 217 -21.86 -2.72 22.91
C GLU B 217 -21.42 -3.03 21.49
N LEU B 218 -22.19 -2.56 20.52
CA LEU B 218 -21.88 -2.86 19.12
C LEU B 218 -20.62 -2.17 18.66
N ALA B 219 -20.28 -0.99 19.22
CA ALA B 219 -19.06 -0.30 18.81
C ALA B 219 -17.83 -1.09 19.21
N GLU B 220 -17.85 -1.72 20.39
CA GLU B 220 -16.74 -2.49 20.91
C GLU B 220 -16.61 -3.87 20.27
N ARG B 221 -17.47 -4.22 19.31
CA ARG B 221 -17.34 -5.50 18.62
C ARG B 221 -17.36 -5.34 17.11
N THR B 222 -17.10 -4.13 16.61
CA THR B 222 -17.27 -3.77 15.21
C THR B 222 -16.02 -3.11 14.70
N ILE B 223 -15.57 -3.50 13.52
CA ILE B 223 -14.56 -2.76 12.79
C ILE B 223 -15.23 -2.09 11.61
N THR B 224 -15.20 -0.77 11.58
CA THR B 224 -15.86 -0.03 10.52
C THR B 224 -14.82 0.52 9.57
N CYS B 225 -15.01 0.25 8.27
CA CYS B 225 -14.07 0.65 7.24
C CYS B 225 -14.70 1.74 6.40
N MET B 226 -13.95 2.82 6.19
CA MET B 226 -14.43 3.95 5.42
C MET B 226 -13.28 4.49 4.60
N ALA B 227 -13.71 5.24 3.61
CA ALA B 227 -12.72 5.71 2.64
C ALA B 227 -13.30 6.83 1.81
N PRO B 228 -12.49 7.80 1.35
CA PRO B 228 -12.92 8.76 0.33
C PRO B 228 -12.73 8.29 -1.10
N SER B 229 -12.31 7.04 -1.30
CA SER B 229 -11.99 6.52 -2.63
C SER B 229 -13.22 6.55 -3.55
N1 LLP B 230 -15.27 -2.33 -0.94
C2 LLP B 230 -16.43 -2.15 -1.59
C2' LLP B 230 -17.81 -2.48 -1.00
C3 LLP B 230 -16.44 -1.65 -2.87
O3 LLP B 230 -17.66 -1.46 -3.51
C4 LLP B 230 -15.24 -1.35 -3.50
C4' LLP B 230 -15.26 -0.75 -4.90
C5 LLP B 230 -14.04 -1.52 -2.83
C6 LLP B 230 -14.10 -2.03 -1.53
C5' LLP B 230 -12.73 -1.15 -3.55
OP4 LLP B 230 -11.63 -1.83 -3.03
P LLP B 230 -10.58 -1.05 -2.03
OP1 LLP B 230 -9.48 -0.29 -2.71
OP2 LLP B 230 -9.90 -2.11 -1.20
OP3 LLP B 230 -11.39 -0.11 -1.17
N LLP B 230 -14.28 5.86 -3.13
CA LLP B 230 -15.49 5.84 -3.94
CB LLP B 230 -16.44 4.77 -3.42
CG LLP B 230 -15.91 3.39 -3.72
CD LLP B 230 -16.04 3.13 -5.26
CE LLP B 230 -15.02 2.10 -5.78
NZ LLP B 230 -15.26 0.64 -5.26
C LLP B 230 -16.18 7.20 -3.98
O LLP B 230 -16.61 7.65 -5.04
N THR B 231 -16.21 7.90 -2.85
CA THR B 231 -16.98 9.14 -2.81
C THR B 231 -16.43 10.18 -3.78
N PHE B 232 -15.11 10.29 -3.88
CA PHE B 232 -14.49 11.39 -4.61
C PHE B 232 -13.57 10.94 -5.74
N ASN B 233 -13.64 9.67 -6.15
CA ASN B 233 -12.89 9.18 -7.32
C ASN B 233 -11.36 9.30 -7.10
N ILE B 234 -10.90 8.89 -5.93
CA ILE B 234 -9.48 8.89 -5.61
C ILE B 234 -9.03 7.49 -5.16
N ALA B 235 -9.67 6.44 -5.69
CA ALA B 235 -9.29 5.09 -5.29
C ALA B 235 -7.80 4.83 -5.49
N GLY B 236 -7.27 5.25 -6.63
CA GLY B 236 -5.88 5.02 -6.96
C GLY B 236 -4.90 5.73 -6.06
N LEU B 237 -5.43 6.48 -5.10
CA LEU B 237 -4.58 7.07 -4.08
C LEU B 237 -4.50 6.18 -2.86
N GLN B 238 -5.41 5.21 -2.73
CA GLN B 238 -5.29 4.11 -1.78
C GLN B 238 -5.34 4.62 -0.34
N ALA B 239 -6.44 5.29 -0.02
CA ALA B 239 -6.65 5.94 1.27
C ALA B 239 -7.91 5.39 1.91
N SER B 240 -7.76 4.65 3.00
CA SER B 240 -8.91 4.22 3.80
C SER B 240 -8.74 4.56 5.29
N ILE B 241 -9.89 4.68 5.93
CA ILE B 241 -10.03 5.02 7.35
C ILE B 241 -10.67 3.84 8.04
N ILE B 242 -10.00 3.27 9.02
CA ILE B 242 -10.57 2.19 9.82
C ILE B 242 -10.73 2.66 11.26
N ILE B 243 -11.92 2.47 11.79
CA ILE B 243 -12.33 3.00 13.07
C ILE B 243 -12.63 1.81 13.96
N ILE B 244 -11.75 1.55 14.93
CA ILE B 244 -11.90 0.40 15.81
C ILE B 244 -12.04 0.88 17.25
N PRO B 245 -13.27 1.04 17.73
CA PRO B 245 -13.46 1.50 19.12
C PRO B 245 -12.87 0.59 20.17
N ASN B 246 -13.05 -0.72 20.06
CA ASN B 246 -12.47 -1.65 21.02
C ASN B 246 -10.94 -1.59 20.99
N GLU B 247 -10.34 -1.25 22.14
CA GLU B 247 -8.88 -1.13 22.20
C GLU B 247 -8.20 -2.46 21.89
N LYS B 248 -8.76 -3.57 22.39
CA LYS B 248 -8.12 -4.87 22.21
C LYS B 248 -8.17 -5.36 20.76
N LEU B 249 -9.28 -5.11 20.07
CA LEU B 249 -9.35 -5.43 18.65
C LEU B 249 -8.43 -4.53 17.84
N ARG B 250 -8.34 -3.24 18.20
CA ARG B 250 -7.50 -2.32 17.44
C ARG B 250 -6.04 -2.74 17.50
N HIS B 251 -5.59 -3.22 18.65
CA HIS B 251 -4.19 -3.63 18.74
C HIS B 251 -3.94 -4.88 17.91
N ALA B 252 -4.91 -5.80 17.91
CA ALA B 252 -4.80 -7.02 17.12
C ALA B 252 -4.85 -6.73 15.63
N PHE B 253 -5.57 -5.69 15.24
CA PHE B 253 -5.57 -5.26 13.86
C PHE B 253 -4.24 -4.60 13.49
N THR B 254 -3.79 -3.65 14.32
CA THR B 254 -2.54 -2.96 14.05
C THR B 254 -1.37 -3.94 14.07
N ALA B 255 -1.47 -4.97 14.90
CA ALA B 255 -0.44 -5.99 14.96
C ALA B 255 -0.35 -6.83 13.66
N ILE B 256 -1.47 -7.01 12.94
CA ILE B 256 -1.40 -7.76 11.69
C ILE B 256 -0.75 -6.93 10.59
N GLN B 257 -1.16 -5.66 10.46
CA GLN B 257 -0.56 -4.78 9.47
C GLN B 257 0.95 -4.62 9.70
N TYR B 258 1.35 -4.44 10.96
CA TYR B 258 2.76 -4.31 11.30
C TYR B 258 3.55 -5.53 10.85
N ARG B 259 3.04 -6.75 11.10
CA ARG B 259 3.81 -7.92 10.70
C ARG B 259 3.83 -8.11 9.20
N GLN B 260 2.89 -7.48 8.49
CA GLN B 260 2.92 -7.42 7.04
C GLN B 260 3.69 -6.21 6.51
N GLY B 261 4.48 -5.55 7.36
CA GLY B 261 5.32 -4.46 6.94
C GLY B 261 4.63 -3.16 6.66
N PHE B 262 3.35 -3.01 7.03
CA PHE B 262 2.60 -1.77 6.77
C PHE B 262 3.12 -0.64 7.64
N HIS B 263 3.33 0.52 7.02
CA HIS B 263 3.82 1.72 7.64
C HIS B 263 3.05 2.93 7.15
N GLY B 264 1.74 2.77 6.91
CA GLY B 264 0.89 3.91 6.69
C GLY B 264 0.81 4.36 5.25
N LEU B 265 -0.13 5.27 5.02
CA LEU B 265 -0.51 5.74 3.71
C LEU B 265 0.60 6.49 2.98
N ASN B 266 0.42 6.60 1.66
CA ASN B 266 1.37 7.35 0.89
C ASN B 266 1.05 8.83 1.04
N ILE B 267 2.05 9.65 0.70
CA ILE B 267 2.00 11.09 0.93
C ILE B 267 0.70 11.69 0.40
N PHE B 268 0.26 11.23 -0.77
CA PHE B 268 -0.88 11.81 -1.48
C PHE B 268 -2.22 11.25 -1.04
N ALA B 269 -2.22 10.08 -0.40
CA ALA B 269 -3.43 9.67 0.29
C ALA B 269 -3.77 10.64 1.41
N TYR B 270 -2.76 11.01 2.20
CA TYR B 270 -2.92 11.97 3.29
C TYR B 270 -3.34 13.34 2.77
N THR B 271 -2.61 13.89 1.81
CA THR B 271 -2.98 15.18 1.22
C THR B 271 -4.40 15.16 0.66
N ALA B 272 -4.70 14.17 -0.18
CA ALA B 272 -5.99 14.13 -0.87
C ALA B 272 -7.14 13.96 0.10
N MET B 273 -7.01 13.03 1.06
CA MET B 273 -8.13 12.78 1.95
C MET B 273 -8.42 13.97 2.87
N GLN B 274 -7.39 14.77 3.21
CA GLN B 274 -7.60 16.01 3.96
C GLN B 274 -8.61 16.89 3.27
N SER B 275 -8.40 17.14 1.98
CA SER B 275 -9.26 18.04 1.24
C SER B 275 -10.64 17.43 1.07
N ALA B 276 -10.70 16.11 0.91
CA ALA B 276 -11.96 15.43 0.64
C ALA B 276 -12.97 15.70 1.76
N TYR B 277 -12.52 15.71 3.03
CA TYR B 277 -13.41 15.93 4.14
C TYR B 277 -13.43 17.38 4.60
N THR B 278 -12.80 18.29 3.85
CA THR B 278 -12.80 19.70 4.20
C THR B 278 -13.38 20.59 3.11
N GLU B 279 -12.90 20.47 1.88
CA GLU B 279 -13.16 21.47 0.86
C GLU B 279 -14.05 20.97 -0.27
N CYS B 280 -14.84 19.91 -0.05
CA CYS B 280 -15.54 19.28 -1.16
C CYS B 280 -17.00 19.00 -0.86
N ASN B 281 -17.56 19.70 0.13
CA ASN B 281 -18.93 19.43 0.57
C ASN B 281 -19.93 19.69 -0.54
N ASP B 282 -19.83 20.85 -1.21
CA ASP B 282 -20.83 21.20 -2.20
C ASP B 282 -20.70 20.37 -3.46
N TRP B 283 -19.49 19.93 -3.77
CA TRP B 283 -19.28 19.00 -4.87
C TRP B 283 -20.02 17.69 -4.63
N LEU B 284 -20.09 17.24 -3.38
CA LEU B 284 -20.74 15.98 -3.06
C LEU B 284 -22.26 16.07 -3.13
N ASN B 285 -22.83 17.14 -2.60
CA ASN B 285 -24.28 17.22 -2.60
C ASN B 285 -24.82 17.34 -4.01
N LYS B 286 -24.06 17.98 -4.91
CA LYS B 286 -24.44 17.96 -6.31
C LYS B 286 -24.37 16.54 -6.84
N ILE B 287 -23.28 15.82 -6.51
CA ILE B 287 -23.08 14.48 -7.06
C ILE B 287 -24.08 13.48 -6.45
N ARG B 288 -24.54 13.67 -5.22
CA ARG B 288 -25.55 12.70 -4.74
C ARG B 288 -26.86 12.95 -5.49
N LEU B 289 -27.14 14.22 -5.80
CA LEU B 289 -28.36 14.52 -6.52
C LEU B 289 -28.25 14.13 -7.99
N TYR B 290 -27.05 14.22 -8.56
CA TYR B 290 -26.83 13.75 -9.92
C TYR B 290 -27.07 12.24 -10.02
N ILE B 291 -26.42 11.47 -9.15
CA ILE B 291 -26.50 10.01 -9.23
C ILE B 291 -27.92 9.55 -8.96
N GLU B 292 -28.55 10.09 -7.91
CA GLU B 292 -29.95 9.75 -7.67
C GLU B 292 -30.80 10.02 -8.89
N ASP B 293 -30.53 11.12 -9.60
CA ASP B 293 -31.32 11.41 -10.78
C ASP B 293 -31.03 10.40 -11.87
N ASN B 294 -29.76 10.00 -12.01
CA ASN B 294 -29.44 8.94 -12.95
C ASN B 294 -30.10 7.63 -12.53
N ALA B 295 -30.11 7.34 -11.23
CA ALA B 295 -30.76 6.10 -10.77
C ALA B 295 -32.26 6.14 -11.07
N LYS B 296 -32.90 7.28 -10.79
CA LYS B 296 -34.31 7.40 -11.11
C LYS B 296 -34.56 7.34 -12.62
N PHE B 297 -33.56 7.76 -13.42
CA PHE B 297 -33.66 7.69 -14.88
C PHE B 297 -33.52 6.26 -15.41
N ALA B 298 -32.63 5.46 -14.81
CA ALA B 298 -32.44 4.12 -15.36
C ALA B 298 -33.62 3.20 -15.09
N CYS B 299 -34.36 3.38 -13.98
CA CYS B 299 -35.32 2.32 -13.69
C CYS B 299 -36.64 2.52 -14.41
N GLU B 300 -37.04 3.77 -14.67
CA GLU B 300 -38.17 4.01 -15.54
C GLU B 300 -37.81 3.86 -17.01
N TYR B 301 -36.56 4.14 -17.40
CA TYR B 301 -36.20 3.94 -18.81
C TYR B 301 -36.34 2.48 -19.20
N MET B 302 -35.87 1.58 -18.35
CA MET B 302 -35.89 0.15 -18.72
C MET B 302 -37.30 -0.39 -18.51
N LYS B 303 -38.01 0.13 -17.53
CA LYS B 303 -39.38 -0.32 -17.37
C LYS B 303 -40.19 0.00 -18.62
N ASP B 304 -40.00 1.19 -19.17
CA ASP B 304 -40.76 1.61 -20.34
C ASP B 304 -40.18 1.05 -21.64
N HIS B 305 -38.90 0.70 -21.68
CA HIS B 305 -38.21 0.36 -22.93
C HIS B 305 -37.62 -1.03 -22.99
N ILE B 306 -37.20 -1.60 -21.86
CA ILE B 306 -36.63 -2.95 -21.84
C ILE B 306 -37.39 -3.78 -20.81
N PRO B 307 -38.65 -4.14 -21.07
CA PRO B 307 -39.45 -4.82 -20.04
C PRO B 307 -38.97 -6.22 -19.71
N THR B 308 -38.09 -6.79 -20.52
CA THR B 308 -37.52 -8.12 -20.27
C THR B 308 -36.64 -8.18 -19.04
N LEU B 309 -36.24 -7.05 -18.45
CA LEU B 309 -35.26 -7.05 -17.37
C LEU B 309 -35.80 -6.35 -16.13
N SER B 310 -35.73 -7.03 -14.98
CA SER B 310 -36.09 -6.47 -13.67
C SER B 310 -34.92 -5.70 -13.08
N VAL B 311 -35.24 -4.56 -12.47
CA VAL B 311 -34.19 -3.69 -11.89
C VAL B 311 -34.46 -3.45 -10.41
N THR B 312 -33.59 -3.91 -9.55
CA THR B 312 -33.60 -3.58 -8.12
C THR B 312 -33.36 -2.08 -7.95
N LYS B 313 -34.32 -1.40 -7.31
CA LYS B 313 -34.20 0.04 -7.07
C LYS B 313 -33.12 0.37 -6.06
N PRO B 314 -32.11 1.16 -6.43
CA PRO B 314 -31.06 1.51 -5.46
C PRO B 314 -31.47 2.65 -4.54
N GLU B 315 -30.84 2.68 -3.36
CA GLU B 315 -31.06 3.71 -2.34
C GLU B 315 -29.80 4.50 -2.01
N GLY B 316 -28.65 4.09 -2.55
CA GLY B 316 -27.34 4.71 -2.36
C GLY B 316 -26.39 4.10 -3.37
N SER B 317 -25.15 4.59 -3.36
CA SER B 317 -24.09 4.21 -4.31
C SER B 317 -24.39 4.63 -5.74
N PHE B 318 -23.51 4.27 -6.66
CA PHE B 318 -23.68 4.60 -8.08
C PHE B 318 -23.63 3.34 -8.93
N LEU B 319 -24.12 2.23 -8.39
CA LEU B 319 -24.20 0.97 -9.11
C LEU B 319 -25.66 0.56 -9.29
N LEU B 320 -25.94 -0.16 -10.37
CA LEU B 320 -27.32 -0.57 -10.63
C LEU B 320 -27.38 -2.06 -10.93
N TRP B 321 -28.25 -2.76 -10.19
CA TRP B 321 -28.33 -4.22 -10.17
C TRP B 321 -29.50 -4.70 -11.05
N ILE B 322 -29.22 -5.39 -12.16
CA ILE B 322 -30.24 -5.68 -13.18
C ILE B 322 -30.42 -7.19 -13.34
N ASP B 323 -31.65 -7.65 -13.11
CA ASP B 323 -32.04 -9.06 -13.22
C ASP B 323 -32.40 -9.39 -14.68
N CYS B 324 -31.61 -10.28 -15.31
CA CYS B 324 -31.79 -10.63 -16.72
C CYS B 324 -32.39 -12.02 -16.95
N SER B 325 -32.77 -12.75 -15.88
CA SER B 325 -33.13 -14.16 -16.00
C SER B 325 -34.32 -14.40 -16.93
N ALA B 326 -35.08 -13.37 -17.28
CA ALA B 326 -36.24 -13.59 -18.15
C ALA B 326 -35.79 -14.01 -19.54
N LEU B 327 -34.65 -13.50 -20.01
CA LEU B 327 -34.05 -14.09 -21.20
C LEU B 327 -33.76 -15.56 -21.00
N ASN B 328 -33.48 -15.96 -19.75
CA ASN B 328 -33.03 -17.31 -19.42
C ASN B 328 -31.85 -17.74 -20.28
N LEU B 329 -30.78 -16.97 -20.18
CA LEU B 329 -29.55 -17.21 -20.91
C LEU B 329 -28.42 -17.40 -19.92
N SER B 330 -27.45 -18.25 -20.31
CA SER B 330 -26.28 -18.54 -19.50
C SER B 330 -25.34 -17.32 -19.47
N GLN B 331 -24.37 -17.35 -18.54
CA GLN B 331 -23.38 -16.26 -18.43
C GLN B 331 -22.66 -15.99 -19.75
N ASP B 332 -22.13 -17.05 -20.39
CA ASP B 332 -21.39 -16.87 -21.65
C ASP B 332 -22.28 -16.29 -22.74
N GLU B 333 -23.47 -16.85 -22.97
CA GLU B 333 -24.29 -16.29 -24.04
C GLU B 333 -24.85 -14.90 -23.69
N ARG B 334 -24.78 -14.49 -22.43
CA ARG B 334 -25.09 -13.10 -22.07
C ARG B 334 -23.91 -12.18 -22.34
N THR B 335 -22.73 -12.55 -21.83
CA THR B 335 -21.52 -11.76 -22.03
C THR B 335 -21.21 -11.61 -23.52
N LYS B 336 -21.30 -12.72 -24.27
CA LYS B 336 -21.02 -12.73 -25.74
C LYS B 336 -21.95 -11.77 -26.48
N LEU B 337 -23.24 -11.89 -26.20
CA LEU B 337 -24.17 -10.99 -26.88
C LEU B 337 -23.95 -9.54 -26.51
N LEU B 338 -23.64 -9.27 -25.22
CA LEU B 338 -23.44 -7.90 -24.77
C LEU B 338 -22.29 -7.22 -25.49
N GLU B 339 -21.23 -7.97 -25.80
CA GLU B 339 -20.09 -7.39 -26.46
C GLU B 339 -20.29 -7.28 -27.98
N GLU B 340 -20.86 -8.29 -28.62
CA GLU B 340 -20.98 -8.26 -30.11
C GLU B 340 -22.20 -7.46 -30.57
N LYS B 341 -23.36 -7.74 -29.98
CA LYS B 341 -24.57 -7.02 -30.39
C LYS B 341 -24.65 -5.64 -29.74
N GLY B 342 -24.30 -5.52 -28.45
CA GLY B 342 -24.40 -4.23 -27.76
C GLY B 342 -23.12 -3.43 -27.61
N LYS B 343 -21.95 -4.03 -27.90
CA LYS B 343 -20.64 -3.37 -27.74
C LYS B 343 -20.46 -2.83 -26.33
N ILE B 344 -20.60 -3.72 -25.35
CA ILE B 344 -20.57 -3.29 -23.96
C ILE B 344 -20.18 -4.45 -23.08
N ILE B 345 -19.35 -4.17 -22.08
CA ILE B 345 -18.96 -5.12 -21.05
C ILE B 345 -19.51 -4.61 -19.72
N VAL B 346 -20.47 -5.33 -19.15
CA VAL B 346 -21.00 -5.02 -17.85
C VAL B 346 -20.33 -5.91 -16.81
N GLU B 347 -20.63 -5.67 -15.54
CA GLU B 347 -20.11 -6.54 -14.48
C GLU B 347 -21.01 -7.75 -14.33
N PRO B 348 -20.50 -8.96 -14.54
CA PRO B 348 -21.32 -10.17 -14.47
C PRO B 348 -21.74 -10.54 -13.05
N GLY B 349 -23.04 -10.81 -12.87
CA GLY B 349 -23.56 -11.12 -11.56
C GLY B 349 -23.13 -12.48 -11.00
N GLU B 350 -22.78 -13.42 -11.87
CA GLU B 350 -22.54 -14.79 -11.40
C GLU B 350 -21.39 -14.89 -10.39
N LYS B 351 -20.46 -13.95 -10.40
CA LYS B 351 -19.36 -14.06 -9.45
C LYS B 351 -19.69 -13.44 -8.10
N TYR B 352 -20.96 -13.10 -7.88
CA TYR B 352 -21.44 -12.47 -6.67
C TYR B 352 -22.11 -13.46 -5.71
N GLY B 353 -22.03 -14.75 -6.00
CA GLY B 353 -22.61 -15.74 -5.14
C GLY B 353 -24.07 -16.00 -5.47
N LEU B 354 -24.76 -16.58 -4.50
CA LEU B 354 -26.18 -16.89 -4.66
C LEU B 354 -26.95 -15.60 -4.82
N GLY B 355 -27.83 -15.55 -5.82
CA GLY B 355 -28.49 -14.31 -6.15
C GLY B 355 -27.76 -13.49 -7.18
N GLY B 356 -26.59 -13.96 -7.64
CA GLY B 356 -25.89 -13.27 -8.70
C GLY B 356 -26.16 -13.82 -10.08
N GLU B 357 -26.66 -15.05 -10.14
CA GLU B 357 -26.78 -15.72 -11.42
C GLU B 357 -27.85 -15.03 -12.26
N GLU B 358 -27.51 -14.76 -13.53
CA GLU B 358 -28.36 -14.06 -14.50
C GLU B 358 -28.66 -12.61 -14.09
N HIS B 359 -27.83 -12.02 -13.23
CA HIS B 359 -27.87 -10.59 -12.94
C HIS B 359 -26.64 -9.95 -13.55
N ILE B 360 -26.77 -8.66 -13.88
CA ILE B 360 -25.61 -7.85 -14.32
C ILE B 360 -25.60 -6.57 -13.49
N ARG B 361 -24.45 -5.91 -13.42
CA ARG B 361 -24.37 -4.61 -12.73
C ARG B 361 -23.69 -3.60 -13.63
N ILE B 362 -24.33 -2.47 -13.77
CA ILE B 362 -23.74 -1.39 -14.59
C ILE B 362 -23.45 -0.22 -13.66
N ASN B 363 -22.46 0.61 -14.03
CA ASN B 363 -22.09 1.78 -13.27
C ASN B 363 -22.92 2.97 -13.76
N ILE B 364 -23.63 3.62 -12.84
CA ILE B 364 -24.41 4.80 -13.20
C ILE B 364 -23.76 6.09 -12.70
N GLY B 365 -22.49 6.03 -12.28
CA GLY B 365 -21.80 7.23 -11.85
C GLY B 365 -21.18 7.95 -13.01
N CYS B 366 -21.92 8.05 -14.10
CA CYS B 366 -21.42 8.60 -15.36
C CYS B 366 -22.29 9.77 -15.77
N PRO B 367 -21.74 10.70 -16.55
CA PRO B 367 -22.59 11.66 -17.25
C PRO B 367 -23.77 10.97 -17.92
N ARG B 368 -24.89 11.70 -17.98
CA ARG B 368 -26.11 11.13 -18.55
C ARG B 368 -25.87 10.63 -19.97
N SER B 369 -25.19 11.44 -20.78
CA SER B 369 -24.80 11.08 -22.15
C SER B 369 -24.43 9.61 -22.29
N VAL B 370 -23.50 9.15 -21.45
CA VAL B 370 -23.06 7.76 -21.56
C VAL B 370 -24.10 6.80 -21.01
N LEU B 371 -24.86 7.22 -19.98
CA LEU B 371 -25.89 6.35 -19.43
C LEU B 371 -27.04 6.15 -20.42
N GLU B 372 -27.41 7.21 -21.14
CA GLU B 372 -28.27 7.06 -22.31
C GLU B 372 -27.73 5.97 -23.22
N GLU B 373 -26.46 6.09 -23.62
CA GLU B 373 -25.90 5.18 -24.60
C GLU B 373 -25.81 3.76 -24.05
N ILE B 374 -25.51 3.61 -22.77
CA ILE B 374 -25.43 2.26 -22.19
C ILE B 374 -26.81 1.62 -22.21
N LEU B 375 -27.80 2.33 -21.64
CA LEU B 375 -29.17 1.82 -21.64
C LEU B 375 -29.62 1.55 -23.06
N ASN B 376 -29.30 2.48 -23.96
CA ASN B 376 -29.62 2.29 -25.37
C ASN B 376 -29.02 1.02 -25.90
N ARG B 377 -27.77 0.76 -25.54
CA ARG B 377 -27.10 -0.44 -26.00
C ARG B 377 -27.67 -1.67 -25.31
N LEU B 378 -28.02 -1.53 -24.02
CA LEU B 378 -28.78 -2.57 -23.34
C LEU B 378 -30.08 -2.91 -24.06
N ARG B 379 -30.81 -1.88 -24.50
CA ARG B 379 -32.08 -2.07 -25.18
C ARG B 379 -31.92 -2.90 -26.45
N HIS B 380 -30.99 -2.47 -27.32
CA HIS B 380 -30.78 -3.20 -28.57
C HIS B 380 -30.28 -4.62 -28.32
N THR B 381 -29.47 -4.82 -27.28
CA THR B 381 -28.92 -6.14 -27.01
C THR B 381 -30.03 -7.16 -26.76
N PHE B 382 -30.90 -6.86 -25.80
CA PHE B 382 -31.90 -7.79 -25.28
C PHE B 382 -33.24 -7.72 -26.00
N SER B 383 -33.42 -6.79 -26.93
CA SER B 383 -34.62 -6.72 -27.76
C SER B 383 -34.29 -7.04 -29.22
#